data_9IV1
#
_entry.id   9IV1
#
_cell.length_a   1.00
_cell.length_b   1.00
_cell.length_c   1.00
_cell.angle_alpha   90.00
_cell.angle_beta   90.00
_cell.angle_gamma   90.00
#
_symmetry.space_group_name_H-M   'P 1'
#
loop_
_entity.id
_entity.type
_entity.pdbx_description
1 polymer scFv16
2 polymer 'Guanine nucleotide-binding protein G(I)/G(S)/G(T) subunit beta-1'
3 polymer 'Guanine nucleotide-binding protein G(I)/G(S)/G(O) subunit gamma-2'
4 polymer 'Adhesion G-protein coupled receptor D1'
5 polymer 'Guanine nucleotide-binding protein G(s) subunit alpha isoforms short'
6 non-polymer 5-ALPHA-DIHYDROTESTOSTERONE
#
loop_
_entity_poly.entity_id
_entity_poly.type
_entity_poly.pdbx_seq_one_letter_code
_entity_poly.pdbx_strand_id
1 'polypeptide(L)'
;MVQLVESGGGLVQPGGSRKLSCSASGFAFSSFGMHWVRQAPEKGLEWVAYISSGSGTIYYADTVKGRFTISRDDPKNTLF
LQMTSLRSEDTAMYYCVRSIYYYGSSPFDFWGQGTTLTVSAGGGGSGGGGSGGGGSSDIVMTQATSSVPVTPGESVSISC
RSSKSLLHSNGNTYLYWFLQRPGQSPQLLIYRMSNLASGVPDRFSGSGSGTAFTLTISRLEAEDVGVYYCMQHLEYPLTF
GAGTKLELLEENLYFQGASHHHHHHHH
;
S
2 'polypeptide(L)'
;GSLLQSELDQLRQEAEQLKNQIRDARKACADATLSQITNNIDPVGRIQMRTRRTLRGHLAKIYAMHWGTDSRLLVSASQD
GKLIIWDSYTTNKVHAIPLRSSWVMTCAYAPSGNYVACGGLDNICSIYNLKTREGNVRVSRELAGHTGYLSCCRFLDDNQ
IVTSSGDTTCALWDIETGQQTTTFTGHTGDVMSLSLAPDTRLFVSGACDASAKLWDVREGMCRQTFTGHESDINAICFFP
NGNAFATGSDDATCRLFDLRADQELMTYSHDNIICGITSVSFSKSGRLLLAGYDDFNCNVWDALKADRAGVLAGHDNRVS
CLGVTDDGMAVATGSWDSFLKIWN
;
B
3 'polypeptide(L)' MASNNTASIAQARKLVEQLKMEANIDRIKVSKAAADLMAYCEAHAKEDPLLTPVPASENPFREKKFFCAIL G
4 'polypeptide(L)'
;HQVALSSISYVGCSLSVLCLVATLVTFAVLSSVSTIRNQRYHIHANLSFAVLVAQVLLLISFRLEPGTTPCQVMAVLLHY
FFLSAFAWMLVEGLHLYSMVIKVFGSEDSKHRYYYGMGWGFPLLICIISLSFAMDSYGTSNNCWLSLASGAIWAFVAPAL
FVIVVNIGILIAVTRVISQISADNYKIHGDPSAFKLTAKAVAVLLPILGTSWVFGVLAVNGCAVVFQYMFATLNSLQGLF
IFLFHCLLNSEVRAAFKHKTKVWSLTSSSARTSNAKPFHSDLMNGTRPGMASTKLSPWDKSSHSAHRVDLSAV
;
R
5 'polypeptide(L)'
;MGCTLSAEDKAAVERSKMIEKQLQKDKQVYRATHRLLLLGADNSGKSTIVKQMRIYHVNGYSEEECKQYKAVVYSNTIQS
IIAIIRAMGRLKIDFGDSARADDARQLFVLAGAAEEGFMTAELAGVIKRLWKDSGVQACFNRSREYQLNDSAAYYLNDLD
RIAQPNYIPTQQDVLRTRVKTSGIFETKFQVDKVNFHMFDVGAQRDERRKWIQCFNDVTAIIFVVDSSDYNRLQEALNDF
KSIWNNRWLRTISVILFLNKQDLLAEKVLAGKSKIEDYFPEFARYTTPEDATPEPGEDPRVTRAKYFIRDEFLRISTASG
DGRHYCYPHFTCSVDTENARRIFNDCRDIIQRMHLRQYELL
;
A
#
loop_
_chem_comp.id
_chem_comp.type
_chem_comp.name
_chem_comp.formula
DHT non-polymer 5-ALPHA-DIHYDROTESTOSTERONE 'C19 H30 O2'
#
# COMPACT_ATOMS: atom_id res chain seq x y z
N VAL A 2 -27.46 10.27 14.89
CA VAL A 2 -26.83 11.59 14.95
C VAL A 2 -27.61 12.50 15.90
N GLN A 3 -26.90 13.15 16.82
CA GLN A 3 -27.54 14.04 17.77
C GLN A 3 -26.51 15.03 18.31
N LEU A 4 -26.96 16.26 18.54
CA LEU A 4 -26.15 17.28 19.20
C LEU A 4 -27.04 18.09 20.13
N VAL A 5 -26.58 18.30 21.35
CA VAL A 5 -27.26 19.16 22.31
C VAL A 5 -26.23 20.06 22.97
N GLU A 6 -26.54 21.35 23.06
CA GLU A 6 -25.62 22.35 23.58
C GLU A 6 -26.14 22.89 24.92
N SER A 7 -25.27 23.62 25.61
CA SER A 7 -25.61 24.21 26.89
C SER A 7 -24.72 25.41 27.14
N GLY A 8 -25.27 26.43 27.79
CA GLY A 8 -24.52 27.63 28.08
C GLY A 8 -25.32 28.90 27.92
N GLY A 9 -26.51 28.78 27.34
CA GLY A 9 -27.34 29.95 27.12
C GLY A 9 -27.88 30.51 28.42
N GLY A 10 -28.20 31.80 28.39
CA GLY A 10 -28.73 32.48 29.55
C GLY A 10 -28.39 33.96 29.49
N LEU A 11 -29.17 34.74 30.25
CA LEU A 11 -28.97 36.18 30.30
C LEU A 11 -27.64 36.49 30.99
N VAL A 12 -26.87 37.41 30.41
CA VAL A 12 -25.57 37.79 30.95
C VAL A 12 -25.32 39.26 30.62
N GLN A 13 -24.81 40.00 31.60
CA GLN A 13 -24.52 41.40 31.40
C GLN A 13 -23.37 41.57 30.40
N PRO A 14 -23.34 42.68 29.66
CA PRO A 14 -22.24 42.90 28.72
C PRO A 14 -20.89 42.95 29.42
N GLY A 15 -19.87 42.40 28.76
CA GLY A 15 -18.54 42.32 29.31
C GLY A 15 -18.27 41.07 30.12
N GLY A 16 -19.28 40.26 30.39
CA GLY A 16 -19.08 39.03 31.14
C GLY A 16 -18.64 37.88 30.27
N SER A 17 -17.37 37.49 30.38
CA SER A 17 -16.86 36.38 29.59
C SER A 17 -17.55 35.08 29.98
N ARG A 18 -18.02 34.35 28.97
CA ARG A 18 -18.72 33.10 29.19
C ARG A 18 -18.29 32.09 28.14
N LYS A 19 -18.67 30.83 28.35
CA LYS A 19 -18.37 29.76 27.42
C LYS A 19 -19.56 28.82 27.33
N LEU A 20 -19.66 28.15 26.19
CA LEU A 20 -20.73 27.18 25.95
C LEU A 20 -20.15 25.96 25.26
N SER A 21 -20.83 24.83 25.43
CA SER A 21 -20.35 23.55 24.92
C SER A 21 -21.52 22.76 24.36
N CYS A 22 -21.19 21.82 23.47
CA CYS A 22 -22.16 20.94 22.84
C CYS A 22 -22.03 19.53 23.44
N SER A 23 -22.80 18.60 22.89
CA SER A 23 -22.71 17.19 23.29
C SER A 23 -23.06 16.34 22.08
N ALA A 24 -22.04 15.89 21.35
CA ALA A 24 -22.23 15.06 20.16
C ALA A 24 -22.07 13.60 20.56
N SER A 25 -23.11 13.08 21.23
CA SER A 25 -23.11 11.70 21.71
C SER A 25 -23.82 10.75 20.75
N GLY A 26 -23.84 11.07 19.45
CA GLY A 26 -24.53 10.22 18.50
C GLY A 26 -23.67 9.73 17.35
N PHE A 27 -22.59 10.45 17.03
CA PHE A 27 -21.80 10.15 15.85
C PHE A 27 -20.32 10.25 16.20
N ALA A 28 -19.48 10.20 15.18
CA ALA A 28 -18.03 10.27 15.34
C ALA A 28 -17.61 11.74 15.34
N PHE A 29 -17.22 12.25 16.51
CA PHE A 29 -16.82 13.64 16.63
C PHE A 29 -15.50 13.93 15.91
N SER A 30 -14.60 12.94 15.85
CA SER A 30 -13.26 13.18 15.35
C SER A 30 -13.27 13.58 13.87
N SER A 31 -14.08 12.91 13.06
CA SER A 31 -14.04 13.10 11.61
C SER A 31 -14.85 14.31 11.15
N PHE A 32 -15.58 14.97 12.03
CA PHE A 32 -16.46 16.08 11.65
C PHE A 32 -15.89 17.40 12.14
N GLY A 33 -15.86 18.38 11.25
CA GLY A 33 -15.49 19.73 11.63
C GLY A 33 -16.71 20.63 11.71
N MET A 34 -17.10 21.00 12.93
CA MET A 34 -18.34 21.73 13.16
C MET A 34 -18.10 23.23 13.29
N HIS A 35 -19.19 23.98 13.23
CA HIS A 35 -19.19 25.43 13.25
C HIS A 35 -20.13 25.95 14.33
N TRP A 36 -20.19 27.28 14.44
CA TRP A 36 -21.19 27.96 15.23
C TRP A 36 -21.87 28.98 14.33
N VAL A 37 -23.20 29.04 14.39
CA VAL A 37 -23.99 29.94 13.56
C VAL A 37 -24.89 30.77 14.46
N ARG A 38 -24.84 32.09 14.30
CA ARG A 38 -25.66 33.00 15.07
C ARG A 38 -27.00 33.23 14.38
N GLN A 39 -27.99 33.66 15.16
CA GLN A 39 -29.29 34.04 14.61
C GLN A 39 -29.96 34.97 15.61
N ALA A 40 -30.09 36.24 15.25
CA ALA A 40 -30.75 37.20 16.11
C ALA A 40 -32.24 36.88 16.23
N PRO A 41 -32.91 37.39 17.28
CA PRO A 41 -34.35 37.15 17.43
C PRO A 41 -35.15 37.33 16.15
N GLU A 42 -34.92 38.44 15.45
CA GLU A 42 -35.56 38.68 14.14
C GLU A 42 -34.47 39.20 13.19
N LYS A 43 -33.76 38.28 12.56
CA LYS A 43 -32.72 38.60 11.59
C LYS A 43 -32.24 37.30 10.96
N GLY A 44 -31.28 37.42 10.05
CA GLY A 44 -30.72 36.26 9.38
C GLY A 44 -29.59 35.61 10.17
N LEU A 45 -29.00 34.59 9.56
CA LEU A 45 -27.91 33.86 10.18
C LEU A 45 -26.60 34.62 10.01
N GLU A 46 -25.61 34.24 10.83
CA GLU A 46 -24.28 34.85 10.77
C GLU A 46 -23.27 33.82 11.25
N TRP A 47 -22.40 33.37 10.35
CA TRP A 47 -21.40 32.39 10.71
C TRP A 47 -20.41 32.97 11.73
N VAL A 48 -19.96 32.11 12.64
CA VAL A 48 -19.14 32.57 13.76
C VAL A 48 -17.74 32.01 13.65
N ALA A 49 -17.61 30.68 13.71
CA ALA A 49 -16.29 30.05 13.73
C ALA A 49 -16.39 28.68 13.07
N TYR A 50 -15.25 28.02 12.97
CA TYR A 50 -15.17 26.67 12.39
C TYR A 50 -13.91 26.01 12.90
N ILE A 51 -14.06 24.85 13.53
CA ILE A 51 -12.93 24.06 14.00
C ILE A 51 -12.92 22.75 13.21
N SER A 52 -11.78 22.44 12.62
CA SER A 52 -11.67 21.29 11.72
C SER A 52 -11.35 20.02 12.52
N SER A 53 -11.17 18.92 11.80
CA SER A 53 -10.75 17.67 12.41
C SER A 53 -9.29 17.79 12.85
N GLY A 54 -9.03 17.47 14.12
CA GLY A 54 -7.70 17.60 14.66
C GLY A 54 -7.34 18.98 15.18
N SER A 55 -8.29 19.92 15.19
CA SER A 55 -8.08 21.28 15.67
C SER A 55 -6.85 21.92 15.02
N GLY A 56 -6.76 21.76 13.70
CA GLY A 56 -5.64 22.30 12.95
C GLY A 56 -5.91 23.64 12.31
N THR A 57 -7.14 23.84 11.84
CA THR A 57 -7.54 25.06 11.16
C THR A 57 -8.58 25.80 11.99
N ILE A 58 -8.34 27.08 12.23
CA ILE A 58 -9.24 27.92 13.02
C ILE A 58 -9.60 29.14 12.19
N TYR A 59 -10.90 29.40 12.03
CA TYR A 59 -11.38 30.51 11.25
C TYR A 59 -12.35 31.35 12.09
N TYR A 60 -12.51 32.61 11.68
CA TYR A 60 -13.31 33.57 12.44
C TYR A 60 -13.97 34.55 11.50
N ALA A 61 -14.98 35.25 12.01
CA ALA A 61 -15.60 36.37 11.33
C ALA A 61 -14.98 37.68 11.81
N ASP A 62 -15.24 38.74 11.05
CA ASP A 62 -14.64 40.04 11.36
C ASP A 62 -15.10 40.57 12.71
N THR A 63 -16.37 40.34 13.06
CA THR A 63 -16.92 40.84 14.32
C THR A 63 -16.70 39.89 15.48
N VAL A 64 -16.05 38.75 15.26
CA VAL A 64 -15.87 37.75 16.31
C VAL A 64 -14.40 37.33 16.38
N LYS A 65 -13.58 37.87 15.47
CA LYS A 65 -12.17 37.51 15.44
C LYS A 65 -11.47 37.92 16.72
N GLY A 66 -10.65 37.02 17.26
CA GLY A 66 -9.93 37.29 18.48
C GLY A 66 -10.79 37.46 19.71
N ARG A 67 -12.05 37.04 19.66
CA ARG A 67 -12.98 37.25 20.76
C ARG A 67 -13.51 35.94 21.33
N PHE A 68 -13.95 35.02 20.48
CA PHE A 68 -14.60 33.78 20.91
C PHE A 68 -13.63 32.63 20.70
N THR A 69 -12.77 32.39 21.69
CA THR A 69 -11.82 31.28 21.59
C THR A 69 -12.56 29.96 21.46
N ILE A 70 -12.14 29.15 20.48
CA ILE A 70 -12.80 27.90 20.15
C ILE A 70 -11.85 26.74 20.44
N SER A 71 -12.36 25.71 21.10
CA SER A 71 -11.57 24.54 21.45
C SER A 71 -12.40 23.28 21.24
N ARG A 72 -11.70 22.15 21.12
CA ARG A 72 -12.33 20.86 20.89
C ARG A 72 -11.82 19.86 21.91
N ASP A 73 -12.74 19.15 22.55
CA ASP A 73 -12.41 18.07 23.49
C ASP A 73 -12.89 16.77 22.86
N ASP A 74 -12.02 16.17 22.04
CA ASP A 74 -12.39 14.95 21.31
C ASP A 74 -12.70 13.77 22.22
N PRO A 75 -11.91 13.44 23.26
CA PRO A 75 -12.25 12.26 24.07
C PRO A 75 -13.63 12.32 24.69
N LYS A 76 -14.08 13.48 25.12
CA LYS A 76 -15.41 13.64 25.71
C LYS A 76 -16.49 13.91 24.67
N ASN A 77 -16.12 14.04 23.39
CA ASN A 77 -17.05 14.35 22.31
C ASN A 77 -17.85 15.62 22.62
N THR A 78 -17.11 16.71 22.80
CA THR A 78 -17.72 17.98 23.20
C THR A 78 -16.95 19.12 22.55
N LEU A 79 -17.68 20.03 21.90
CA LEU A 79 -17.09 21.19 21.25
C LEU A 79 -17.28 22.42 22.11
N PHE A 80 -16.25 23.27 22.16
CA PHE A 80 -16.25 24.46 23.00
C PHE A 80 -16.05 25.71 22.16
N LEU A 81 -16.62 26.82 22.63
CA LEU A 81 -16.36 28.14 22.05
C LEU A 81 -16.45 29.14 23.21
N GLN A 82 -15.30 29.45 23.81
CA GLN A 82 -15.26 30.35 24.95
C GLN A 82 -15.13 31.79 24.47
N MET A 83 -15.99 32.65 24.99
CA MET A 83 -16.05 34.05 24.56
C MET A 83 -15.57 34.95 25.69
N THR A 84 -14.81 35.99 25.32
CA THR A 84 -14.34 36.99 26.26
C THR A 84 -15.46 37.99 26.51
N SER A 85 -15.11 39.15 27.10
CA SER A 85 -16.08 40.20 27.37
C SER A 85 -16.96 40.48 26.15
N LEU A 86 -18.26 40.52 26.37
CA LEU A 86 -19.25 40.58 25.30
C LEU A 86 -19.75 42.00 25.10
N ARG A 87 -20.52 42.17 24.03
CA ARG A 87 -21.17 43.43 23.69
C ARG A 87 -22.63 43.17 23.39
N SER A 88 -23.39 44.25 23.19
CA SER A 88 -24.81 44.13 22.91
C SER A 88 -25.08 43.45 21.57
N GLU A 89 -24.12 43.47 20.64
CA GLU A 89 -24.31 42.81 19.36
C GLU A 89 -24.47 41.31 19.52
N ASP A 90 -23.70 40.71 20.44
CA ASP A 90 -23.75 39.27 20.67
C ASP A 90 -25.02 38.94 21.47
N THR A 91 -26.14 38.92 20.75
CA THR A 91 -27.45 38.61 21.31
C THR A 91 -28.19 37.63 20.40
N ALA A 92 -27.50 36.60 19.95
CA ALA A 92 -28.03 35.66 18.98
C ALA A 92 -27.81 34.23 19.45
N MET A 93 -28.75 33.35 19.09
CA MET A 93 -28.62 31.94 19.42
C MET A 93 -27.47 31.33 18.63
N TYR A 94 -26.65 30.54 19.32
CA TYR A 94 -25.44 29.95 18.73
C TYR A 94 -25.72 28.50 18.39
N TYR A 95 -26.28 28.28 17.19
CA TYR A 95 -26.55 26.93 16.74
C TYR A 95 -25.25 26.19 16.41
N CYS A 96 -25.28 24.87 16.57
CA CYS A 96 -24.14 24.02 16.29
C CYS A 96 -24.44 23.18 15.06
N VAL A 97 -23.54 23.22 14.08
CA VAL A 97 -23.71 22.53 12.80
C VAL A 97 -22.49 21.68 12.54
N ARG A 98 -22.70 20.39 12.30
CA ARG A 98 -21.62 19.50 11.93
C ARG A 98 -21.38 19.55 10.42
N SER A 99 -20.15 19.33 10.01
CA SER A 99 -19.79 19.34 8.61
C SER A 99 -18.55 18.50 8.38
N ILE A 100 -18.50 17.85 7.22
CA ILE A 100 -17.39 17.01 6.82
C ILE A 100 -16.96 17.44 5.42
N TYR A 101 -15.71 17.15 5.08
CA TYR A 101 -15.12 17.66 3.84
C TYR A 101 -14.28 16.57 3.16
N TYR A 102 -14.88 15.93 2.15
CA TYR A 102 -14.14 15.17 1.15
C TYR A 102 -14.88 15.36 -0.17
N TYR A 103 -14.50 14.59 -1.18
CA TYR A 103 -15.17 14.67 -2.47
C TYR A 103 -16.51 13.96 -2.37
N GLY A 104 -17.59 14.72 -2.54
CA GLY A 104 -18.92 14.18 -2.37
C GLY A 104 -19.53 14.42 -1.00
N SER A 105 -18.94 15.27 -0.18
CA SER A 105 -19.42 15.52 1.17
C SER A 105 -20.69 16.36 1.14
N SER A 106 -21.34 16.45 2.31
CA SER A 106 -22.54 17.27 2.49
C SER A 106 -22.31 18.14 3.72
N PRO A 107 -21.57 19.24 3.57
CA PRO A 107 -21.34 20.13 4.72
C PRO A 107 -22.64 20.71 5.25
N PHE A 108 -22.65 20.98 6.56
CA PHE A 108 -23.82 21.47 7.27
C PHE A 108 -24.97 20.47 7.16
N ASP A 109 -24.67 19.19 7.37
CA ASP A 109 -25.67 18.15 7.21
C ASP A 109 -26.67 18.14 8.36
N PHE A 110 -26.20 18.34 9.58
CA PHE A 110 -27.05 18.23 10.76
C PHE A 110 -26.87 19.47 11.64
N TRP A 111 -27.94 19.83 12.35
CA TRP A 111 -27.95 20.96 13.26
C TRP A 111 -28.45 20.51 14.62
N GLY A 112 -27.93 21.14 15.66
CA GLY A 112 -28.39 20.87 17.00
C GLY A 112 -29.68 21.59 17.32
N GLN A 113 -29.80 22.12 18.54
CA GLN A 113 -30.93 22.96 18.90
C GLN A 113 -30.54 24.39 19.25
N GLY A 114 -29.31 24.61 19.68
CA GLY A 114 -28.88 25.97 19.89
C GLY A 114 -28.75 26.43 21.28
N THR A 115 -28.84 27.72 21.48
CA THR A 115 -28.79 28.29 22.79
C THR A 115 -28.82 29.77 22.63
N THR A 116 -29.65 30.42 23.41
CA THR A 116 -29.75 31.86 23.33
C THR A 116 -28.72 32.52 24.18
N LEU A 117 -28.18 33.64 23.75
CA LEU A 117 -27.28 34.35 24.63
C LEU A 117 -27.68 35.76 24.69
N THR A 118 -28.87 36.00 25.20
CA THR A 118 -29.32 37.35 25.38
C THR A 118 -28.37 38.08 26.26
N VAL A 119 -27.59 38.97 25.67
CA VAL A 119 -26.71 39.75 26.46
C VAL A 119 -27.17 41.18 26.36
N SER A 120 -27.55 41.77 27.49
CA SER A 120 -28.01 43.15 27.47
C SER A 120 -26.98 44.02 26.79
N SER A 137 -15.00 43.83 0.37
CA SER A 137 -14.28 42.92 1.24
C SER A 137 -14.86 41.51 1.16
N ASP A 138 -15.83 41.22 2.03
CA ASP A 138 -16.44 39.90 2.06
C ASP A 138 -17.38 39.73 0.86
N ILE A 139 -17.80 38.48 0.64
CA ILE A 139 -18.72 38.15 -0.45
C ILE A 139 -20.12 38.43 0.07
N VAL A 140 -20.64 39.62 -0.25
CA VAL A 140 -21.95 40.03 0.23
C VAL A 140 -23.01 39.47 -0.70
N MET A 141 -24.01 38.80 -0.13
CA MET A 141 -25.09 38.20 -0.88
C MET A 141 -26.42 38.82 -0.46
N THR A 142 -27.30 39.01 -1.44
CA THR A 142 -28.58 39.68 -1.23
C THR A 142 -29.73 38.70 -1.39
N GLN A 143 -30.69 38.76 -0.48
CA GLN A 143 -31.90 37.94 -0.52
C GLN A 143 -33.09 38.89 -0.66
N ALA A 144 -33.43 39.21 -1.91
CA ALA A 144 -34.55 40.10 -2.18
C ALA A 144 -35.87 39.40 -1.90
N THR A 145 -36.93 40.22 -1.77
CA THR A 145 -38.28 39.74 -1.50
C THR A 145 -38.32 38.87 -0.25
N SER A 146 -38.03 39.50 0.88
CA SER A 146 -37.92 38.81 2.17
C SER A 146 -39.25 38.23 2.65
N SER A 147 -40.35 38.43 1.92
CA SER A 147 -41.63 37.85 2.29
C SER A 147 -42.40 37.56 1.01
N VAL A 148 -42.59 36.28 0.70
CA VAL A 148 -43.26 35.84 -0.52
C VAL A 148 -44.49 35.04 -0.12
N PRO A 149 -45.68 35.38 -0.60
CA PRO A 149 -46.87 34.58 -0.28
C PRO A 149 -46.97 33.35 -1.18
N VAL A 150 -47.37 32.23 -0.57
CA VAL A 150 -47.47 30.96 -1.27
C VAL A 150 -48.76 30.26 -0.88
N THR A 151 -49.19 29.33 -1.72
CA THR A 151 -50.35 28.49 -1.48
C THR A 151 -49.99 27.03 -1.74
N PRO A 152 -50.63 26.10 -1.02
CA PRO A 152 -50.34 24.69 -1.25
C PRO A 152 -50.70 24.25 -2.66
N GLY A 153 -49.87 23.37 -3.22
CA GLY A 153 -50.05 22.86 -4.55
C GLY A 153 -49.38 23.67 -5.65
N GLU A 154 -49.07 24.93 -5.37
CA GLU A 154 -48.43 25.81 -6.34
C GLU A 154 -46.91 25.66 -6.23
N SER A 155 -46.18 26.57 -6.88
CA SER A 155 -44.73 26.57 -6.83
C SER A 155 -44.23 27.99 -6.62
N VAL A 156 -43.05 28.10 -6.00
CA VAL A 156 -42.40 29.38 -5.76
C VAL A 156 -40.96 29.30 -6.26
N SER A 157 -40.29 30.44 -6.23
CA SER A 157 -38.90 30.52 -6.70
C SER A 157 -38.21 31.64 -5.92
N ILE A 158 -37.49 31.27 -4.87
CA ILE A 158 -36.76 32.25 -4.13
C ILE A 158 -35.50 32.49 -4.93
N SER A 159 -34.98 33.71 -4.88
CA SER A 159 -33.75 34.01 -5.59
C SER A 159 -32.70 34.71 -4.70
N CYS A 160 -31.43 34.48 -4.97
CA CYS A 160 -30.36 35.02 -4.13
C CYS A 160 -29.20 35.30 -5.03
N ARG A 161 -28.38 36.28 -4.71
CA ARG A 161 -27.34 36.65 -5.63
C ARG A 161 -25.99 36.82 -5.01
N SER A 162 -24.91 36.68 -5.78
CA SER A 162 -23.56 36.72 -5.25
C SER A 162 -22.69 37.81 -5.80
N SER A 163 -22.33 38.77 -4.97
CA SER A 163 -21.55 39.90 -5.48
C SER A 163 -20.41 39.44 -6.38
N LYS A 164 -19.83 38.28 -6.10
CA LYS A 164 -18.75 37.73 -6.90
C LYS A 164 -19.14 36.34 -7.36
N SER A 165 -18.64 35.95 -8.53
CA SER A 165 -18.95 34.64 -9.08
C SER A 165 -18.46 33.55 -8.15
N LEU A 166 -19.34 32.59 -7.86
CA LEU A 166 -19.03 31.48 -6.98
C LEU A 166 -18.57 30.24 -7.74
N LEU A 167 -18.42 30.34 -9.06
CA LEU A 167 -18.00 29.21 -9.90
C LEU A 167 -16.48 29.18 -9.86
N HIS A 168 -15.94 28.37 -8.95
CA HIS A 168 -14.51 28.21 -8.82
C HIS A 168 -13.94 27.43 -10.01
N SER A 169 -12.63 27.53 -10.19
CA SER A 169 -11.97 26.84 -11.29
C SER A 169 -12.07 25.32 -11.15
N ASN A 170 -12.39 24.82 -9.96
CA ASN A 170 -12.52 23.37 -9.77
C ASN A 170 -13.69 22.81 -10.56
N GLY A 171 -14.69 23.63 -10.86
CA GLY A 171 -15.87 23.19 -11.59
C GLY A 171 -17.13 23.13 -10.77
N ASN A 172 -17.07 23.39 -9.47
CA ASN A 172 -18.24 23.42 -8.61
C ASN A 172 -18.74 24.86 -8.47
N THR A 173 -19.70 25.07 -7.57
CA THR A 173 -20.29 26.39 -7.39
C THR A 173 -20.38 26.83 -5.94
N TYR A 174 -20.41 25.91 -4.98
CA TYR A 174 -20.35 26.25 -3.54
C TYR A 174 -21.50 27.16 -3.14
N LEU A 175 -22.72 26.74 -3.46
CA LEU A 175 -23.93 27.41 -3.00
C LEU A 175 -24.69 26.48 -2.08
N TYR A 176 -25.12 27.00 -0.93
CA TYR A 176 -25.85 26.23 0.07
C TYR A 176 -27.22 26.84 0.31
N TRP A 177 -28.24 25.99 0.35
CA TRP A 177 -29.60 26.40 0.65
C TRP A 177 -30.04 25.80 1.98
N PHE A 178 -30.81 26.56 2.75
CA PHE A 178 -31.24 26.16 4.08
C PHE A 178 -32.72 26.43 4.26
N LEU A 179 -33.32 25.71 5.20
CA LEU A 179 -34.71 25.91 5.59
C LEU A 179 -34.79 25.89 7.10
N GLN A 180 -35.65 26.73 7.67
CA GLN A 180 -35.86 26.78 9.11
C GLN A 180 -37.35 26.94 9.37
N ARG A 181 -38.01 25.84 9.72
CA ARG A 181 -39.40 25.91 10.12
C ARG A 181 -39.53 26.67 11.44
N PRO A 182 -40.66 27.34 11.67
CA PRO A 182 -40.79 28.14 12.89
C PRO A 182 -40.62 27.29 14.14
N GLY A 183 -39.89 27.84 15.11
CA GLY A 183 -39.59 27.11 16.34
C GLY A 183 -38.81 25.84 16.10
N GLN A 184 -37.86 25.86 15.17
CA GLN A 184 -37.11 24.66 14.82
C GLN A 184 -35.73 25.07 14.32
N SER A 185 -34.80 24.12 14.37
CA SER A 185 -33.43 24.33 13.92
C SER A 185 -33.34 24.20 12.39
N PRO A 186 -32.40 24.90 11.76
CA PRO A 186 -32.28 24.81 10.30
C PRO A 186 -31.86 23.43 9.83
N GLN A 187 -32.24 23.11 8.59
CA GLN A 187 -31.91 21.86 7.95
C GLN A 187 -31.42 22.15 6.54
N LEU A 188 -30.46 21.34 6.07
CA LEU A 188 -29.88 21.53 4.75
C LEU A 188 -30.76 20.89 3.68
N LEU A 189 -30.97 21.61 2.58
CA LEU A 189 -31.73 21.12 1.44
C LEU A 189 -30.87 20.96 0.19
N ILE A 190 -30.21 22.03 -0.24
CA ILE A 190 -29.43 22.02 -1.48
C ILE A 190 -28.00 22.46 -1.14
N TYR A 191 -27.03 21.67 -1.57
CA TYR A 191 -25.62 22.01 -1.42
C TYR A 191 -24.92 21.95 -2.77
N ARG A 192 -24.04 22.93 -3.00
CA ARG A 192 -23.35 23.12 -4.28
C ARG A 192 -24.33 23.40 -5.41
N MET A 193 -25.47 24.00 -5.06
CA MET A 193 -26.44 24.60 -5.97
C MET A 193 -27.26 23.54 -6.72
N SER A 194 -26.83 22.29 -6.68
CA SER A 194 -27.53 21.27 -7.45
C SER A 194 -27.86 20.03 -6.64
N ASN A 195 -26.98 19.61 -5.73
CA ASN A 195 -27.13 18.34 -5.05
C ASN A 195 -28.14 18.42 -3.93
N LEU A 196 -29.03 17.44 -3.86
CA LEU A 196 -30.10 17.40 -2.87
C LEU A 196 -29.61 16.66 -1.64
N ALA A 197 -29.84 17.26 -0.47
CA ALA A 197 -29.40 16.66 0.78
C ALA A 197 -30.25 15.44 1.12
N SER A 198 -29.70 14.60 1.99
CA SER A 198 -30.42 13.41 2.43
C SER A 198 -31.55 13.78 3.38
N GLY A 199 -32.66 13.05 3.28
CA GLY A 199 -33.79 13.27 4.16
C GLY A 199 -34.73 14.38 3.75
N VAL A 200 -34.62 14.89 2.54
CA VAL A 200 -35.50 15.96 2.06
C VAL A 200 -36.23 15.45 0.82
N PRO A 201 -37.43 15.96 0.52
CA PRO A 201 -38.17 15.44 -0.63
C PRO A 201 -37.48 15.73 -1.96
N ASP A 202 -37.73 14.84 -2.93
CA ASP A 202 -37.18 14.99 -4.27
C ASP A 202 -37.79 16.17 -5.02
N ARG A 203 -38.88 16.75 -4.52
CA ARG A 203 -39.49 17.90 -5.18
C ARG A 203 -38.68 19.18 -5.02
N PHE A 204 -37.71 19.19 -4.10
CA PHE A 204 -36.84 20.35 -3.94
C PHE A 204 -35.73 20.32 -4.98
N SER A 205 -35.54 21.43 -5.69
CA SER A 205 -34.51 21.50 -6.72
C SER A 205 -34.02 22.94 -6.83
N GLY A 206 -32.81 23.09 -7.33
CA GLY A 206 -32.22 24.41 -7.50
C GLY A 206 -31.17 24.38 -8.59
N SER A 207 -30.94 25.55 -9.18
CA SER A 207 -29.93 25.70 -10.23
C SER A 207 -29.56 27.18 -10.30
N GLY A 208 -28.83 27.53 -11.34
CA GLY A 208 -28.46 28.92 -11.57
C GLY A 208 -27.09 29.04 -12.19
N SER A 209 -26.76 30.26 -12.59
CA SER A 209 -25.46 30.57 -13.18
C SER A 209 -24.48 30.92 -12.07
N GLY A 210 -23.33 31.47 -12.45
CA GLY A 210 -22.31 31.83 -11.47
C GLY A 210 -22.67 33.02 -10.60
N THR A 211 -23.73 33.75 -10.93
CA THR A 211 -24.12 34.93 -10.16
C THR A 211 -25.59 34.86 -9.76
N ALA A 212 -26.42 34.24 -10.59
CA ALA A 212 -27.85 34.15 -10.35
C ALA A 212 -28.18 32.78 -9.77
N PHE A 213 -28.99 32.77 -8.71
CA PHE A 213 -29.32 31.55 -7.99
C PHE A 213 -30.81 31.52 -7.72
N THR A 214 -31.48 30.43 -8.09
CA THR A 214 -32.91 30.27 -7.85
C THR A 214 -33.17 28.89 -7.26
N LEU A 215 -34.17 28.82 -6.38
CA LEU A 215 -34.57 27.57 -5.74
C LEU A 215 -36.06 27.38 -6.00
N THR A 216 -36.41 26.24 -6.60
CA THR A 216 -37.78 25.94 -6.97
C THR A 216 -38.34 24.85 -6.05
N ILE A 217 -39.51 25.11 -5.48
CA ILE A 217 -40.19 24.13 -4.64
C ILE A 217 -41.42 23.62 -5.37
N SER A 218 -41.27 22.52 -6.10
CA SER A 218 -42.37 21.95 -6.87
C SER A 218 -43.33 21.21 -5.93
N ARG A 219 -44.63 21.33 -6.22
CA ARG A 219 -45.68 20.64 -5.48
C ARG A 219 -45.61 20.98 -3.98
N LEU A 220 -45.86 22.25 -3.68
CA LEU A 220 -45.82 22.72 -2.30
C LEU A 220 -46.80 21.93 -1.44
N GLU A 221 -46.34 21.56 -0.24
CA GLU A 221 -47.14 20.81 0.72
C GLU A 221 -46.98 21.45 2.10
N ALA A 222 -47.54 20.79 3.11
CA ALA A 222 -47.43 21.28 4.48
C ALA A 222 -45.99 21.13 4.98
N GLU A 223 -45.72 21.81 6.09
CA GLU A 223 -44.43 21.83 6.79
C GLU A 223 -43.35 22.54 5.99
N ASP A 224 -43.64 23.04 4.80
CA ASP A 224 -42.68 23.83 4.03
C ASP A 224 -42.77 25.32 4.36
N VAL A 225 -43.73 25.73 5.18
CA VAL A 225 -43.86 27.13 5.56
C VAL A 225 -42.71 27.49 6.49
N GLY A 226 -41.94 28.51 6.11
CA GLY A 226 -40.81 28.92 6.92
C GLY A 226 -39.93 29.89 6.17
N VAL A 227 -38.67 29.95 6.58
CA VAL A 227 -37.69 30.87 6.04
C VAL A 227 -36.54 30.08 5.41
N TYR A 228 -36.07 30.52 4.26
CA TYR A 228 -35.08 29.76 3.57
C TYR A 228 -33.82 30.59 3.40
N TYR A 229 -32.65 30.00 3.61
CA TYR A 229 -31.41 30.76 3.58
C TYR A 229 -30.39 30.42 2.49
N CYS A 230 -29.52 31.37 2.11
CA CYS A 230 -28.46 31.12 1.12
C CYS A 230 -27.07 31.53 1.63
N MET A 231 -26.05 30.68 1.47
CA MET A 231 -24.71 30.99 1.98
C MET A 231 -23.58 30.49 1.13
N GLN A 232 -22.41 31.10 1.20
CA GLN A 232 -21.28 30.71 0.38
C GLN A 232 -20.33 29.82 1.03
N HIS A 233 -19.70 28.91 0.29
CA HIS A 233 -18.62 28.21 0.91
C HIS A 233 -17.37 28.41 0.08
N LEU A 234 -17.32 29.49 -0.69
CA LEU A 234 -16.10 29.80 -1.38
C LEU A 234 -15.62 30.80 -0.46
N GLU A 235 -14.43 30.63 0.05
CA GLU A 235 -13.86 31.67 0.88
C GLU A 235 -14.45 31.61 2.23
N TYR A 236 -13.73 32.11 3.18
CA TYR A 236 -14.22 31.87 4.47
C TYR A 236 -14.86 32.92 5.30
N PRO A 237 -14.87 34.13 4.85
CA PRO A 237 -15.61 35.00 5.73
C PRO A 237 -16.97 34.40 5.87
N LEU A 238 -17.39 33.49 4.99
CA LEU A 238 -18.67 32.77 5.10
C LEU A 238 -19.85 33.63 5.40
N THR A 239 -20.66 33.94 4.40
CA THR A 239 -21.73 34.88 4.67
C THR A 239 -23.11 34.36 4.37
N PHE A 240 -24.14 35.06 4.83
CA PHE A 240 -25.51 34.59 4.65
C PHE A 240 -26.44 35.57 3.97
N GLY A 241 -27.75 35.30 4.01
CA GLY A 241 -28.71 36.19 3.42
C GLY A 241 -29.73 36.67 4.45
N ALA A 242 -30.60 37.57 3.99
CA ALA A 242 -31.63 38.11 4.88
C ALA A 242 -32.60 37.03 5.32
N GLY A 243 -33.01 36.16 4.40
CA GLY A 243 -33.95 35.10 4.71
C GLY A 243 -35.33 35.35 4.15
N THR A 244 -35.66 34.67 3.05
CA THR A 244 -36.95 34.85 2.40
C THR A 244 -38.00 34.03 3.15
N LYS A 245 -38.91 34.73 3.83
CA LYS A 245 -39.98 34.07 4.56
C LYS A 245 -41.07 33.62 3.61
N LEU A 246 -41.42 32.33 3.68
CA LEU A 246 -42.49 31.76 2.87
C LEU A 246 -43.68 31.52 3.79
N GLU A 247 -44.74 32.28 3.60
CA GLU A 247 -45.94 32.20 4.43
C GLU A 247 -47.17 32.03 3.55
N LEU A 248 -48.21 31.45 4.14
CA LEU A 248 -49.47 31.25 3.44
C LEU A 248 -50.34 32.50 3.47
N GLU B 7 -22.75 -48.50 -16.52
CA GLU B 7 -22.07 -48.13 -15.28
C GLU B 7 -21.76 -46.63 -15.26
N LEU B 8 -21.08 -46.18 -14.20
CA LEU B 8 -20.72 -44.77 -14.10
C LEU B 8 -19.78 -44.37 -15.23
N ASP B 9 -18.82 -45.24 -15.56
CA ASP B 9 -17.89 -44.95 -16.66
C ASP B 9 -18.64 -44.84 -17.99
N GLN B 10 -19.59 -45.74 -18.23
CA GLN B 10 -20.36 -45.70 -19.47
C GLN B 10 -21.16 -44.40 -19.59
N LEU B 11 -21.79 -43.98 -18.48
CA LEU B 11 -22.56 -42.73 -18.52
C LEU B 11 -21.64 -41.53 -18.70
N ARG B 12 -20.48 -41.52 -18.05
CA ARG B 12 -19.57 -40.39 -18.16
C ARG B 12 -18.84 -40.35 -19.50
N GLN B 13 -18.78 -41.48 -20.22
CA GLN B 13 -18.09 -41.51 -21.49
C GLN B 13 -18.75 -40.64 -22.55
N GLU B 14 -20.05 -40.35 -22.41
CA GLU B 14 -20.74 -39.53 -23.40
C GLU B 14 -20.14 -38.14 -23.50
N ALA B 15 -19.48 -37.67 -22.44
CA ALA B 15 -18.83 -36.37 -22.48
C ALA B 15 -17.74 -36.32 -23.54
N GLU B 16 -17.10 -37.45 -23.83
CA GLU B 16 -16.05 -37.47 -24.84
C GLU B 16 -16.60 -37.11 -26.21
N GLN B 17 -17.65 -37.78 -26.66
CA GLN B 17 -18.24 -37.44 -27.95
C GLN B 17 -18.95 -36.10 -27.92
N LEU B 18 -19.50 -35.68 -26.76
CA LEU B 18 -20.08 -34.35 -26.69
C LEU B 18 -19.02 -33.27 -26.89
N LYS B 19 -17.85 -33.43 -26.27
CA LYS B 19 -16.77 -32.49 -26.46
C LYS B 19 -16.24 -32.55 -27.89
N ASN B 20 -16.18 -33.74 -28.48
CA ASN B 20 -15.77 -33.84 -29.88
C ASN B 20 -16.74 -33.09 -30.79
N GLN B 21 -18.04 -33.24 -30.55
CA GLN B 21 -19.04 -32.55 -31.36
C GLN B 21 -18.95 -31.04 -31.17
N ILE B 22 -18.76 -30.57 -29.93
CA ILE B 22 -18.68 -29.13 -29.71
C ILE B 22 -17.41 -28.56 -30.33
N ARG B 23 -16.30 -29.32 -30.29
CA ARG B 23 -15.08 -28.87 -30.95
C ARG B 23 -15.25 -28.82 -32.46
N ASP B 24 -15.95 -29.81 -33.03
CA ASP B 24 -16.22 -29.79 -34.46
C ASP B 24 -17.08 -28.59 -34.84
N ALA B 25 -18.10 -28.28 -34.03
CA ALA B 25 -18.93 -27.11 -34.29
C ALA B 25 -18.12 -25.82 -34.19
N ARG B 26 -17.24 -25.72 -33.19
CA ARG B 26 -16.39 -24.54 -33.05
C ARG B 26 -15.46 -24.38 -34.25
N LYS B 27 -14.88 -25.49 -34.73
CA LYS B 27 -14.03 -25.43 -35.91
C LYS B 27 -14.83 -25.02 -37.15
N ALA B 28 -16.05 -25.53 -37.28
CA ALA B 28 -16.89 -25.16 -38.41
C ALA B 28 -17.23 -23.68 -38.39
N CYS B 29 -17.52 -23.15 -37.21
CA CYS B 29 -17.83 -21.72 -37.10
C CYS B 29 -16.63 -20.83 -37.42
N ALA B 30 -15.41 -21.37 -37.33
CA ALA B 30 -14.22 -20.60 -37.64
C ALA B 30 -14.06 -20.49 -39.16
N ASP B 31 -14.03 -19.25 -39.66
CA ASP B 31 -13.91 -19.02 -41.09
C ASP B 31 -12.75 -18.07 -41.40
N ALA B 32 -12.48 -17.14 -40.49
CA ALA B 32 -11.42 -16.15 -40.70
C ALA B 32 -10.97 -15.61 -39.35
N THR B 33 -9.66 -15.60 -39.13
CA THR B 33 -9.12 -15.09 -37.88
C THR B 33 -9.24 -13.57 -37.83
N LEU B 34 -9.17 -13.04 -36.62
CA LEU B 34 -9.25 -11.58 -36.44
C LEU B 34 -8.09 -10.87 -37.10
N SER B 35 -6.89 -11.47 -37.08
CA SER B 35 -5.72 -10.81 -37.64
C SER B 35 -5.87 -10.55 -39.13
N GLN B 36 -6.42 -11.52 -39.87
CA GLN B 36 -6.65 -11.32 -41.29
C GLN B 36 -7.69 -10.23 -41.53
N ILE B 37 -8.74 -10.21 -40.70
CA ILE B 37 -9.83 -9.27 -40.91
C ILE B 37 -9.38 -7.83 -40.69
N THR B 38 -8.50 -7.61 -39.70
CA THR B 38 -8.04 -6.29 -39.34
C THR B 38 -6.69 -5.94 -39.98
N ASN B 39 -6.28 -6.69 -41.00
CA ASN B 39 -4.95 -6.49 -41.58
C ASN B 39 -4.81 -5.11 -42.20
N ASN B 40 -5.84 -4.62 -42.88
CA ASN B 40 -5.77 -3.39 -43.65
C ASN B 40 -6.22 -2.17 -42.86
N ILE B 41 -6.51 -2.33 -41.57
CA ILE B 41 -6.94 -1.21 -40.74
C ILE B 41 -5.76 -0.28 -40.50
N ASP B 42 -6.06 0.98 -40.18
CA ASP B 42 -5.01 1.95 -39.93
C ASP B 42 -4.28 1.60 -38.63
N PRO B 43 -2.96 1.44 -38.66
CA PRO B 43 -2.22 1.11 -37.43
C PRO B 43 -2.40 2.19 -36.38
N VAL B 44 -2.49 1.76 -35.12
CA VAL B 44 -2.56 2.70 -34.01
C VAL B 44 -1.24 3.45 -33.88
N GLY B 45 -1.32 4.76 -33.72
CA GLY B 45 -0.12 5.55 -33.57
C GLY B 45 0.65 5.17 -32.32
N ARG B 46 1.95 5.46 -32.33
CA ARG B 46 2.81 5.13 -31.20
C ARG B 46 2.28 5.77 -29.93
N ILE B 47 1.79 4.94 -29.01
CA ILE B 47 1.14 5.43 -27.81
C ILE B 47 2.20 5.68 -26.74
N GLN B 48 2.16 6.88 -26.15
CA GLN B 48 3.05 7.25 -25.05
C GLN B 48 2.18 7.71 -23.89
N MET B 49 2.17 6.94 -22.81
CA MET B 49 1.52 7.33 -21.57
C MET B 49 2.57 7.61 -20.51
N ARG B 50 2.48 8.77 -19.88
CA ARG B 50 3.41 9.18 -18.84
C ARG B 50 2.68 9.21 -17.50
N THR B 51 3.38 8.84 -16.43
CA THR B 51 2.80 8.88 -15.10
C THR B 51 2.41 10.31 -14.74
N ARG B 52 1.12 10.53 -14.52
CA ARG B 52 0.63 11.84 -14.13
C ARG B 52 0.59 12.00 -12.61
N ARG B 53 0.05 11.00 -11.91
CA ARG B 53 0.05 10.98 -10.46
C ARG B 53 0.50 9.61 -9.95
N THR B 54 1.19 9.63 -8.82
CA THR B 54 1.50 8.43 -8.06
C THR B 54 0.86 8.57 -6.69
N LEU B 55 0.29 7.47 -6.20
CA LEU B 55 -0.49 7.48 -4.97
C LEU B 55 0.27 6.70 -3.90
N ARG B 56 0.96 7.43 -3.03
CA ARG B 56 1.66 6.82 -1.91
C ARG B 56 0.78 6.86 -0.66
N GLY B 57 1.08 5.97 0.27
CA GLY B 57 0.34 5.91 1.52
C GLY B 57 0.08 4.49 1.99
N HIS B 58 0.03 3.54 1.06
CA HIS B 58 -0.15 2.15 1.45
C HIS B 58 1.12 1.61 2.09
N LEU B 59 0.94 0.62 2.97
CA LEU B 59 2.03 0.11 3.79
C LEU B 59 2.51 -1.27 3.36
N ALA B 60 1.76 -1.97 2.51
CA ALA B 60 2.13 -3.30 2.08
C ALA B 60 1.79 -3.43 0.60
N LYS B 61 1.86 -4.66 0.10
CA LYS B 61 1.61 -4.92 -1.32
C LYS B 61 0.13 -4.68 -1.65
N ILE B 62 -0.12 -3.76 -2.57
CA ILE B 62 -1.49 -3.52 -3.02
C ILE B 62 -1.93 -4.69 -3.89
N TYR B 63 -3.12 -5.23 -3.57
CA TYR B 63 -3.62 -6.41 -4.27
C TYR B 63 -4.82 -6.14 -5.17
N ALA B 64 -5.58 -5.09 -4.93
CA ALA B 64 -6.76 -4.83 -5.73
C ALA B 64 -7.04 -3.34 -5.78
N MET B 65 -7.59 -2.90 -6.91
CA MET B 65 -8.07 -1.53 -7.08
C MET B 65 -9.32 -1.56 -7.93
N HIS B 66 -10.19 -0.56 -7.72
CA HIS B 66 -11.40 -0.44 -8.51
C HIS B 66 -11.77 1.03 -8.66
N TRP B 67 -12.28 1.39 -9.82
CA TRP B 67 -12.72 2.74 -10.10
C TRP B 67 -14.18 2.92 -9.76
N GLY B 68 -14.52 4.10 -9.25
CA GLY B 68 -15.90 4.47 -9.10
C GLY B 68 -16.52 4.86 -10.42
N THR B 69 -17.85 4.96 -10.43
CA THR B 69 -18.55 5.32 -11.66
C THR B 69 -18.64 6.84 -11.82
N ASP B 70 -17.50 7.51 -11.64
CA ASP B 70 -17.38 8.93 -11.93
C ASP B 70 -16.00 9.29 -12.48
N SER B 71 -15.10 8.32 -12.66
CA SER B 71 -13.74 8.56 -13.12
C SER B 71 -12.98 9.49 -12.18
N ARG B 72 -13.36 9.50 -10.92
CA ARG B 72 -12.75 10.41 -9.95
C ARG B 72 -12.27 9.69 -8.68
N LEU B 73 -12.99 8.67 -8.23
CA LEU B 73 -12.69 8.00 -6.97
C LEU B 73 -12.27 6.56 -7.24
N LEU B 74 -11.19 6.13 -6.59
CA LEU B 74 -10.73 4.75 -6.67
C LEU B 74 -10.41 4.24 -5.27
N VAL B 75 -10.65 2.94 -5.07
CA VAL B 75 -10.43 2.28 -3.78
C VAL B 75 -9.37 1.21 -3.96
N SER B 76 -8.47 1.09 -2.98
CA SER B 76 -7.37 0.14 -3.03
C SER B 76 -7.29 -0.63 -1.72
N ALA B 77 -6.86 -1.88 -1.81
CA ALA B 77 -6.70 -2.76 -0.66
C ALA B 77 -5.28 -3.29 -0.60
N SER B 78 -4.74 -3.39 0.61
CA SER B 78 -3.39 -3.91 0.83
C SER B 78 -3.35 -4.72 2.11
N GLN B 79 -2.25 -5.44 2.31
CA GLN B 79 -2.13 -6.39 3.41
C GLN B 79 -1.96 -5.75 4.78
N ASP B 80 -1.76 -4.43 4.85
CA ASP B 80 -1.76 -3.82 6.18
C ASP B 80 -3.14 -3.83 6.84
N GLY B 81 -4.18 -4.17 6.09
CA GLY B 81 -5.51 -4.24 6.64
C GLY B 81 -6.33 -2.99 6.51
N LYS B 82 -6.10 -2.20 5.46
CA LYS B 82 -6.78 -0.91 5.30
C LYS B 82 -7.24 -0.73 3.87
N LEU B 83 -8.47 -0.25 3.72
CA LEU B 83 -9.00 0.18 2.43
C LEU B 83 -8.90 1.70 2.35
N ILE B 84 -8.29 2.19 1.28
CA ILE B 84 -8.10 3.62 1.07
C ILE B 84 -8.84 4.03 -0.19
N ILE B 85 -9.67 5.06 -0.08
CA ILE B 85 -10.38 5.63 -1.21
C ILE B 85 -9.65 6.90 -1.62
N TRP B 86 -9.21 6.96 -2.88
CA TRP B 86 -8.36 8.04 -3.37
C TRP B 86 -9.15 8.96 -4.28
N ASP B 87 -8.88 10.26 -4.16
CA ASP B 87 -9.33 11.26 -5.13
C ASP B 87 -8.22 11.39 -6.16
N SER B 88 -8.39 10.73 -7.30
CA SER B 88 -7.30 10.63 -8.27
C SER B 88 -6.91 11.99 -8.83
N TYR B 89 -7.88 12.87 -9.03
CA TYR B 89 -7.58 14.18 -9.62
C TYR B 89 -6.67 15.00 -8.72
N THR B 90 -6.92 15.00 -7.42
CA THR B 90 -6.21 15.85 -6.48
C THR B 90 -5.23 15.09 -5.59
N THR B 91 -5.04 13.79 -5.82
CA THR B 91 -4.14 12.96 -5.01
C THR B 91 -4.49 13.09 -3.52
N ASN B 92 -5.78 12.94 -3.22
CA ASN B 92 -6.30 13.11 -1.87
C ASN B 92 -6.85 11.79 -1.35
N LYS B 93 -6.62 11.52 -0.07
CA LYS B 93 -7.16 10.34 0.59
C LYS B 93 -8.50 10.70 1.22
N VAL B 94 -9.55 10.02 0.80
CA VAL B 94 -10.90 10.31 1.29
C VAL B 94 -11.25 9.47 2.51
N HIS B 95 -11.06 8.15 2.42
CA HIS B 95 -11.38 7.24 3.51
C HIS B 95 -10.22 6.28 3.74
N ALA B 96 -10.04 5.90 5.00
CA ALA B 96 -9.06 4.89 5.39
C ALA B 96 -9.75 3.95 6.37
N ILE B 97 -10.19 2.79 5.87
CA ILE B 97 -11.03 1.88 6.62
C ILE B 97 -10.16 0.70 7.08
N PRO B 98 -9.90 0.56 8.38
CA PRO B 98 -9.13 -0.60 8.86
C PRO B 98 -10.01 -1.84 8.88
N LEU B 99 -9.51 -2.91 8.26
CA LEU B 99 -10.26 -4.16 8.17
C LEU B 99 -9.94 -5.09 9.33
N ARG B 100 -10.89 -5.97 9.63
CA ARG B 100 -10.66 -6.96 10.68
C ARG B 100 -9.57 -7.95 10.28
N SER B 101 -9.63 -8.45 9.05
CA SER B 101 -8.59 -9.32 8.53
C SER B 101 -7.57 -8.52 7.74
N SER B 102 -6.31 -8.97 7.81
CA SER B 102 -5.21 -8.27 7.16
C SER B 102 -4.66 -9.03 5.96
N TRP B 103 -5.52 -9.77 5.28
CA TRP B 103 -5.13 -10.53 4.09
C TRP B 103 -6.13 -10.31 2.97
N VAL B 104 -6.54 -9.06 2.76
CA VAL B 104 -7.50 -8.74 1.73
C VAL B 104 -6.86 -8.85 0.35
N MET B 105 -7.58 -9.44 -0.60
CA MET B 105 -7.08 -9.53 -1.96
C MET B 105 -8.15 -9.18 -2.99
N THR B 106 -9.19 -8.44 -2.60
CA THR B 106 -10.18 -7.96 -3.54
C THR B 106 -10.88 -6.74 -2.95
N CYS B 107 -11.30 -5.83 -3.84
CA CYS B 107 -12.03 -4.65 -3.44
C CYS B 107 -13.00 -4.28 -4.54
N ALA B 108 -14.17 -3.76 -4.14
CA ALA B 108 -15.20 -3.40 -5.09
C ALA B 108 -15.79 -2.05 -4.72
N TYR B 109 -16.18 -1.29 -5.74
CA TYR B 109 -16.88 -0.03 -5.59
C TYR B 109 -18.27 -0.17 -6.19
N ALA B 110 -19.29 0.09 -5.40
CA ALA B 110 -20.66 0.02 -5.90
C ALA B 110 -20.89 1.12 -6.94
N PRO B 111 -21.70 0.86 -7.96
CA PRO B 111 -21.96 1.90 -8.96
C PRO B 111 -22.97 2.93 -8.48
N SER B 112 -22.82 3.33 -7.21
CA SER B 112 -23.57 4.44 -6.64
C SER B 112 -22.73 5.35 -5.76
N GLY B 113 -21.58 4.90 -5.27
CA GLY B 113 -20.81 5.66 -4.30
C GLY B 113 -21.20 5.42 -2.86
N ASN B 114 -22.04 4.43 -2.59
CA ASN B 114 -22.53 4.18 -1.24
C ASN B 114 -21.84 3.02 -0.54
N TYR B 115 -21.30 2.06 -1.29
CA TYR B 115 -20.80 0.81 -0.71
C TYR B 115 -19.43 0.47 -1.24
N VAL B 116 -18.59 -0.08 -0.37
CA VAL B 116 -17.30 -0.63 -0.73
C VAL B 116 -17.17 -2.01 -0.09
N ALA B 117 -16.83 -3.01 -0.89
CA ALA B 117 -16.72 -4.39 -0.42
C ALA B 117 -15.28 -4.87 -0.52
N CYS B 118 -14.82 -5.55 0.52
CA CYS B 118 -13.50 -6.16 0.55
C CYS B 118 -13.65 -7.67 0.71
N GLY B 119 -12.51 -8.36 0.84
CA GLY B 119 -12.50 -9.80 0.98
C GLY B 119 -11.12 -10.39 0.84
N GLY B 120 -10.87 -11.49 1.55
CA GLY B 120 -9.57 -12.11 1.51
C GLY B 120 -9.57 -13.52 2.07
N LEU B 121 -8.54 -13.86 2.84
CA LEU B 121 -8.41 -15.19 3.42
C LEU B 121 -9.30 -15.40 4.64
N ASP B 122 -10.19 -14.45 4.94
CA ASP B 122 -11.12 -14.60 6.04
C ASP B 122 -12.44 -15.24 5.62
N ASN B 123 -12.59 -15.57 4.34
CA ASN B 123 -13.79 -16.22 3.81
C ASN B 123 -15.04 -15.37 4.04
N ILE B 124 -14.88 -14.04 4.07
CA ILE B 124 -15.96 -13.12 4.37
C ILE B 124 -15.86 -11.92 3.43
N CYS B 125 -17.00 -11.52 2.86
CA CYS B 125 -17.07 -10.35 1.99
C CYS B 125 -17.70 -9.21 2.79
N SER B 126 -16.85 -8.47 3.49
CA SER B 126 -17.33 -7.36 4.30
C SER B 126 -17.76 -6.20 3.40
N ILE B 127 -18.94 -5.65 3.68
CA ILE B 127 -19.51 -4.54 2.91
C ILE B 127 -19.69 -3.37 3.84
N TYR B 128 -19.21 -2.20 3.43
CA TYR B 128 -19.13 -1.03 4.30
C TYR B 128 -20.03 0.08 3.79
N ASN B 129 -20.56 0.86 4.73
CA ASN B 129 -21.40 2.02 4.43
C ASN B 129 -20.49 3.25 4.30
N LEU B 130 -20.40 3.79 3.08
CA LEU B 130 -19.55 4.95 2.85
C LEU B 130 -20.15 6.20 3.49
N LYS B 131 -21.46 6.37 3.39
CA LYS B 131 -22.17 7.47 4.02
C LYS B 131 -23.11 6.94 5.08
N THR B 132 -23.04 7.54 6.27
CA THR B 132 -23.85 7.13 7.41
C THR B 132 -24.34 8.37 8.14
N ARG B 133 -25.41 8.19 8.90
CA ARG B 133 -25.84 9.24 9.82
C ARG B 133 -24.80 9.51 10.89
N GLU B 134 -23.98 8.52 11.22
CA GLU B 134 -22.88 8.70 12.16
C GLU B 134 -21.63 9.26 11.51
N GLY B 135 -21.56 9.29 10.19
CA GLY B 135 -20.48 9.94 9.48
C GLY B 135 -19.18 9.17 9.40
N ASN B 136 -19.13 7.95 9.93
CA ASN B 136 -17.94 7.13 9.88
C ASN B 136 -18.26 5.81 9.17
N VAL B 137 -17.30 5.31 8.40
CA VAL B 137 -17.51 4.10 7.64
C VAL B 137 -17.60 2.91 8.60
N ARG B 138 -18.67 2.13 8.46
CA ARG B 138 -18.89 0.97 9.30
C ARG B 138 -19.33 -0.20 8.43
N VAL B 139 -19.07 -1.41 8.92
CA VAL B 139 -19.43 -2.62 8.19
C VAL B 139 -20.94 -2.79 8.25
N SER B 140 -21.60 -2.77 7.08
CA SER B 140 -23.03 -2.97 7.04
C SER B 140 -23.39 -4.35 7.57
N ARG B 141 -22.76 -5.39 7.02
CA ARG B 141 -22.84 -6.75 7.55
C ARG B 141 -21.82 -7.60 6.83
N GLU B 142 -21.19 -8.51 7.58
CA GLU B 142 -20.27 -9.46 7.00
C GLU B 142 -21.03 -10.52 6.22
N LEU B 143 -20.42 -11.00 5.14
CA LEU B 143 -21.03 -11.97 4.24
C LEU B 143 -20.30 -13.30 4.39
N ALA B 144 -20.76 -14.10 5.34
CA ALA B 144 -20.21 -15.44 5.55
C ALA B 144 -21.00 -16.47 4.75
N GLY B 145 -20.35 -17.58 4.47
CA GLY B 145 -20.98 -18.64 3.70
C GLY B 145 -20.01 -19.32 2.74
N HIS B 146 -18.81 -18.76 2.61
CA HIS B 146 -17.79 -19.32 1.75
C HIS B 146 -16.81 -20.15 2.58
N THR B 147 -16.45 -21.32 2.06
CA THR B 147 -15.47 -22.20 2.68
C THR B 147 -14.08 -22.02 2.08
N GLY B 148 -13.76 -20.81 1.64
CA GLY B 148 -12.47 -20.53 1.06
C GLY B 148 -12.26 -19.04 0.96
N TYR B 149 -11.02 -18.66 0.62
CA TYR B 149 -10.68 -17.26 0.50
C TYR B 149 -11.37 -16.63 -0.71
N LEU B 150 -11.84 -15.40 -0.54
CA LEU B 150 -12.43 -14.66 -1.64
C LEU B 150 -11.34 -14.04 -2.50
N SER B 151 -11.64 -13.89 -3.80
CA SER B 151 -10.65 -13.41 -4.74
C SER B 151 -11.17 -12.23 -5.56
N CYS B 152 -12.48 -12.16 -5.76
CA CYS B 152 -13.06 -11.10 -6.57
C CYS B 152 -14.49 -10.84 -6.12
N CYS B 153 -14.83 -9.56 -5.99
CA CYS B 153 -16.19 -9.13 -5.66
C CYS B 153 -16.57 -8.00 -6.60
N ARG B 154 -17.78 -8.06 -7.13
CA ARG B 154 -18.28 -7.04 -8.06
C ARG B 154 -19.73 -6.74 -7.74
N PHE B 155 -20.03 -5.47 -7.49
CA PHE B 155 -21.38 -5.06 -7.15
C PHE B 155 -22.30 -5.14 -8.36
N LEU B 156 -23.50 -5.68 -8.14
CA LEU B 156 -24.56 -5.66 -9.15
C LEU B 156 -25.40 -4.40 -8.98
N ASP B 157 -26.02 -4.25 -7.81
CA ASP B 157 -26.73 -3.05 -7.42
C ASP B 157 -26.31 -2.69 -6.00
N ASP B 158 -27.02 -1.74 -5.38
CA ASP B 158 -26.73 -1.44 -3.97
C ASP B 158 -27.17 -2.56 -3.04
N ASN B 159 -27.92 -3.55 -3.53
CA ASN B 159 -28.38 -4.65 -2.71
C ASN B 159 -27.89 -6.02 -3.16
N GLN B 160 -27.38 -6.14 -4.39
CA GLN B 160 -26.90 -7.41 -4.91
C GLN B 160 -25.41 -7.31 -5.20
N ILE B 161 -24.66 -8.33 -4.76
CA ILE B 161 -23.23 -8.42 -5.02
C ILE B 161 -22.91 -9.83 -5.46
N VAL B 162 -21.92 -9.97 -6.34
CA VAL B 162 -21.47 -11.26 -6.83
C VAL B 162 -20.01 -11.42 -6.41
N THR B 163 -19.71 -12.52 -5.72
CA THR B 163 -18.39 -12.76 -5.15
C THR B 163 -17.85 -14.10 -5.63
N SER B 164 -16.55 -14.13 -5.91
CA SER B 164 -15.84 -15.35 -6.27
C SER B 164 -14.85 -15.70 -5.18
N SER B 165 -14.80 -16.97 -4.82
CA SER B 165 -14.00 -17.44 -3.69
C SER B 165 -13.16 -18.65 -4.12
N GLY B 166 -12.31 -19.09 -3.20
CA GLY B 166 -11.43 -20.21 -3.43
C GLY B 166 -12.05 -21.58 -3.28
N ASP B 167 -13.35 -21.65 -2.95
CA ASP B 167 -14.05 -22.91 -2.84
C ASP B 167 -14.66 -23.37 -4.17
N THR B 168 -14.10 -22.92 -5.29
CA THR B 168 -14.57 -23.28 -6.62
C THR B 168 -16.05 -22.92 -6.79
N THR B 169 -16.45 -21.79 -6.24
CA THR B 169 -17.86 -21.41 -6.22
C THR B 169 -18.00 -19.89 -6.25
N CYS B 170 -18.77 -19.38 -7.20
CA CYS B 170 -19.20 -18.00 -7.22
C CYS B 170 -20.60 -17.91 -6.64
N ALA B 171 -20.87 -16.81 -5.93
CA ALA B 171 -22.11 -16.67 -5.20
C ALA B 171 -22.74 -15.30 -5.45
N LEU B 172 -24.06 -15.27 -5.52
CA LEU B 172 -24.83 -14.04 -5.58
C LEU B 172 -25.46 -13.80 -4.22
N TRP B 173 -25.23 -12.62 -3.66
CA TRP B 173 -25.64 -12.30 -2.30
C TRP B 173 -26.70 -11.22 -2.28
N ASP B 174 -27.71 -11.42 -1.43
CA ASP B 174 -28.67 -10.37 -1.12
C ASP B 174 -28.20 -9.65 0.14
N ILE B 175 -27.92 -8.36 0.01
CA ILE B 175 -27.32 -7.61 1.13
C ILE B 175 -28.28 -7.54 2.30
N GLU B 176 -29.57 -7.33 2.03
CA GLU B 176 -30.54 -7.17 3.11
C GLU B 176 -30.62 -8.41 3.98
N THR B 177 -30.78 -9.57 3.36
CA THR B 177 -30.88 -10.82 4.11
C THR B 177 -29.52 -11.42 4.46
N GLY B 178 -28.44 -10.96 3.83
CA GLY B 178 -27.13 -11.51 4.11
C GLY B 178 -27.00 -12.98 3.78
N GLN B 179 -27.67 -13.43 2.72
CA GLN B 179 -27.70 -14.84 2.35
C GLN B 179 -27.42 -14.98 0.86
N GLN B 180 -26.83 -16.11 0.49
CA GLN B 180 -26.53 -16.40 -0.90
C GLN B 180 -27.84 -16.61 -1.66
N THR B 181 -28.23 -15.62 -2.46
CA THR B 181 -29.43 -15.76 -3.28
C THR B 181 -29.26 -16.87 -4.30
N THR B 182 -28.12 -16.91 -4.99
CA THR B 182 -27.82 -17.95 -5.96
C THR B 182 -26.37 -18.37 -5.80
N THR B 183 -26.11 -19.65 -6.05
CA THR B 183 -24.78 -20.23 -5.94
C THR B 183 -24.40 -20.82 -7.30
N PHE B 184 -23.27 -20.37 -7.82
CA PHE B 184 -22.79 -20.82 -9.08
C PHE B 184 -21.74 -21.86 -8.85
N THR B 185 -21.83 -22.98 -9.56
CA THR B 185 -20.92 -24.06 -9.39
C THR B 185 -20.52 -24.63 -10.70
N GLY B 186 -19.34 -25.20 -10.77
CA GLY B 186 -18.88 -25.84 -11.98
C GLY B 186 -17.41 -25.65 -12.16
N HIS B 187 -16.84 -24.68 -11.46
CA HIS B 187 -15.44 -24.41 -11.64
C HIS B 187 -14.74 -25.46 -10.84
N THR B 188 -13.57 -25.89 -11.26
CA THR B 188 -12.88 -26.97 -10.61
C THR B 188 -11.64 -26.45 -9.97
N GLY B 189 -11.70 -25.26 -9.41
CA GLY B 189 -10.51 -24.65 -8.88
C GLY B 189 -10.73 -23.33 -8.24
N ASP B 190 -9.69 -22.73 -7.77
CA ASP B 190 -9.85 -21.53 -7.02
C ASP B 190 -10.17 -20.41 -7.91
N VAL B 191 -11.41 -20.03 -7.94
CA VAL B 191 -11.88 -18.97 -8.83
C VAL B 191 -11.22 -17.67 -8.41
N MET B 192 -10.52 -17.03 -9.33
CA MET B 192 -9.69 -15.88 -9.01
C MET B 192 -10.21 -14.55 -9.52
N SER B 193 -10.95 -14.54 -10.63
CA SER B 193 -11.40 -13.29 -11.22
C SER B 193 -12.77 -13.44 -11.83
N LEU B 194 -13.57 -12.37 -11.74
CA LEU B 194 -14.86 -12.31 -12.40
C LEU B 194 -15.10 -10.87 -12.84
N SER B 195 -15.76 -10.70 -14.00
CA SER B 195 -16.06 -9.39 -14.54
C SER B 195 -17.50 -9.35 -15.02
N LEU B 196 -18.14 -8.19 -14.87
CA LEU B 196 -19.52 -7.99 -15.25
C LEU B 196 -19.64 -7.36 -16.62
N ALA B 197 -20.81 -7.53 -17.22
CA ALA B 197 -21.15 -6.93 -18.51
C ALA B 197 -21.74 -5.55 -18.31
N PRO B 198 -21.70 -4.68 -19.33
CA PRO B 198 -22.37 -3.37 -19.21
C PRO B 198 -23.84 -3.50 -18.86
N ASP B 199 -24.53 -4.48 -19.42
CA ASP B 199 -25.85 -4.88 -18.96
C ASP B 199 -25.65 -5.90 -17.85
N THR B 200 -26.10 -5.57 -16.64
CA THR B 200 -25.72 -6.33 -15.44
C THR B 200 -26.55 -7.60 -15.29
N ARG B 201 -26.59 -8.37 -16.39
CA ARG B 201 -27.30 -9.64 -16.43
C ARG B 201 -26.38 -10.84 -16.67
N LEU B 202 -25.14 -10.61 -17.13
CA LEU B 202 -24.20 -11.69 -17.38
C LEU B 202 -22.85 -11.33 -16.79
N PHE B 203 -22.13 -12.34 -16.32
CA PHE B 203 -20.77 -12.15 -15.84
C PHE B 203 -19.94 -13.39 -16.13
N VAL B 204 -18.66 -13.18 -16.41
CA VAL B 204 -17.73 -14.28 -16.67
C VAL B 204 -16.90 -14.51 -15.42
N SER B 205 -16.24 -15.66 -15.37
CA SER B 205 -15.39 -16.03 -14.25
C SER B 205 -14.11 -16.66 -14.76
N GLY B 206 -13.05 -16.56 -13.96
CA GLY B 206 -11.78 -17.17 -14.30
C GLY B 206 -11.17 -17.90 -13.12
N ALA B 207 -10.95 -19.21 -13.27
CA ALA B 207 -10.41 -20.05 -12.22
C ALA B 207 -9.06 -20.62 -12.63
N CYS B 208 -8.52 -21.49 -11.79
CA CYS B 208 -7.20 -22.08 -11.99
C CYS B 208 -7.22 -23.29 -12.91
N ASP B 209 -8.39 -23.72 -13.37
CA ASP B 209 -8.49 -24.81 -14.32
C ASP B 209 -8.25 -24.31 -15.75
N ALA B 210 -7.71 -23.10 -15.89
CA ALA B 210 -7.47 -22.47 -17.19
C ALA B 210 -8.74 -22.43 -18.03
N SER B 211 -9.87 -22.13 -17.38
CA SER B 211 -11.16 -22.08 -18.03
C SER B 211 -11.90 -20.82 -17.64
N ALA B 212 -12.68 -20.30 -18.59
CA ALA B 212 -13.54 -19.14 -18.37
C ALA B 212 -14.99 -19.57 -18.59
N LYS B 213 -15.86 -19.19 -17.65
CA LYS B 213 -17.24 -19.63 -17.66
C LYS B 213 -18.18 -18.43 -17.71
N LEU B 214 -19.17 -18.49 -18.59
CA LEU B 214 -20.17 -17.44 -18.71
C LEU B 214 -21.38 -17.80 -17.86
N TRP B 215 -21.83 -16.86 -17.04
CA TRP B 215 -22.89 -17.11 -16.08
C TRP B 215 -24.04 -16.14 -16.31
N ASP B 216 -25.26 -16.59 -16.01
CA ASP B 216 -26.45 -15.75 -16.02
C ASP B 216 -26.76 -15.36 -14.59
N VAL B 217 -26.88 -14.05 -14.35
CA VAL B 217 -27.01 -13.55 -12.98
C VAL B 217 -28.34 -13.98 -12.38
N ARG B 218 -29.43 -13.76 -13.10
CA ARG B 218 -30.76 -13.93 -12.51
C ARG B 218 -31.08 -15.40 -12.26
N GLU B 219 -30.85 -16.26 -13.25
CA GLU B 219 -31.28 -17.65 -13.19
C GLU B 219 -30.13 -18.61 -12.91
N GLY B 220 -28.97 -18.10 -12.51
CA GLY B 220 -27.83 -18.98 -12.34
C GLY B 220 -27.45 -19.61 -13.67
N MET B 221 -26.94 -20.84 -13.60
CA MET B 221 -26.67 -21.66 -14.78
C MET B 221 -25.49 -21.14 -15.59
N CYS B 222 -24.67 -22.06 -16.12
CA CYS B 222 -23.54 -21.71 -16.96
C CYS B 222 -23.93 -21.89 -18.42
N ARG B 223 -23.77 -20.83 -19.21
CA ARG B 223 -24.14 -20.91 -20.63
C ARG B 223 -23.04 -21.56 -21.45
N GLN B 224 -21.86 -20.95 -21.48
CA GLN B 224 -20.75 -21.44 -22.28
C GLN B 224 -19.48 -21.46 -21.44
N THR B 225 -18.62 -22.43 -21.70
CA THR B 225 -17.30 -22.49 -21.09
C THR B 225 -16.26 -22.10 -22.14
N PHE B 226 -15.21 -21.41 -21.67
CA PHE B 226 -14.17 -20.90 -22.56
C PHE B 226 -12.82 -21.43 -22.09
N THR B 227 -12.05 -22.00 -23.02
CA THR B 227 -10.75 -22.58 -22.71
C THR B 227 -9.78 -22.22 -23.81
N GLY B 228 -8.50 -22.50 -23.56
CA GLY B 228 -7.45 -22.17 -24.50
C GLY B 228 -6.19 -21.70 -23.79
N HIS B 229 -6.29 -21.50 -22.48
CA HIS B 229 -5.14 -21.07 -21.69
C HIS B 229 -4.35 -22.29 -21.22
N GLU B 230 -3.10 -22.05 -20.84
CA GLU B 230 -2.18 -23.14 -20.54
C GLU B 230 -1.84 -23.30 -19.07
N SER B 231 -1.87 -22.22 -18.28
CA SER B 231 -1.53 -22.31 -16.86
C SER B 231 -2.74 -22.05 -15.96
N ASP B 232 -3.34 -20.86 -16.07
CA ASP B 232 -4.49 -20.48 -15.25
C ASP B 232 -4.99 -19.12 -15.70
N ILE B 233 -6.08 -18.63 -15.11
CA ILE B 233 -6.59 -17.30 -15.37
C ILE B 233 -6.52 -16.51 -14.07
N ASN B 234 -5.78 -15.40 -14.09
CA ASN B 234 -5.60 -14.55 -12.93
C ASN B 234 -6.42 -13.27 -12.98
N ALA B 235 -6.89 -12.86 -14.16
CA ALA B 235 -7.65 -11.63 -14.30
C ALA B 235 -8.49 -11.71 -15.56
N ILE B 236 -9.73 -11.22 -15.47
CA ILE B 236 -10.66 -11.21 -16.59
C ILE B 236 -11.29 -9.83 -16.69
N CYS B 237 -11.73 -9.47 -17.89
CA CYS B 237 -12.37 -8.18 -18.12
C CYS B 237 -13.23 -8.25 -19.37
N PHE B 238 -14.47 -7.77 -19.26
CA PHE B 238 -15.39 -7.75 -20.39
C PHE B 238 -14.97 -6.69 -21.41
N PHE B 239 -15.40 -6.91 -22.65
CA PHE B 239 -15.26 -5.89 -23.68
C PHE B 239 -16.20 -4.72 -23.39
N PRO B 240 -15.83 -3.50 -23.76
CA PRO B 240 -16.75 -2.37 -23.56
C PRO B 240 -18.09 -2.55 -24.26
N ASN B 241 -18.09 -3.18 -25.44
CA ASN B 241 -19.34 -3.48 -26.11
C ASN B 241 -20.15 -4.48 -25.29
N GLY B 242 -19.48 -5.50 -24.75
CA GLY B 242 -20.14 -6.53 -23.98
C GLY B 242 -20.30 -7.86 -24.70
N ASN B 243 -19.74 -8.01 -25.89
CA ASN B 243 -19.82 -9.25 -26.66
C ASN B 243 -18.52 -10.04 -26.65
N ALA B 244 -17.54 -9.63 -25.85
CA ALA B 244 -16.26 -10.30 -25.80
C ALA B 244 -15.61 -10.02 -24.46
N PHE B 245 -14.50 -10.70 -24.19
CA PHE B 245 -13.72 -10.46 -22.98
C PHE B 245 -12.31 -10.98 -23.18
N ALA B 246 -11.37 -10.37 -22.45
CA ALA B 246 -9.97 -10.76 -22.48
C ALA B 246 -9.56 -11.32 -21.13
N THR B 247 -8.82 -12.43 -21.15
CA THR B 247 -8.44 -13.15 -19.94
C THR B 247 -6.94 -13.07 -19.73
N GLY B 248 -6.54 -12.67 -18.51
CA GLY B 248 -5.15 -12.76 -18.11
C GLY B 248 -4.76 -14.16 -17.73
N SER B 249 -3.45 -14.37 -17.59
CA SER B 249 -2.94 -15.71 -17.31
C SER B 249 -1.51 -15.59 -16.78
N ASP B 250 -0.98 -16.72 -16.31
CA ASP B 250 0.39 -16.81 -15.85
C ASP B 250 1.31 -17.46 -16.89
N ASP B 251 0.80 -17.73 -18.09
CA ASP B 251 1.61 -18.31 -19.16
C ASP B 251 2.06 -17.26 -20.17
N ALA B 252 2.02 -15.98 -19.79
CA ALA B 252 2.46 -14.86 -20.63
C ALA B 252 1.61 -14.70 -21.88
N THR B 253 0.35 -15.16 -21.83
CA THR B 253 -0.58 -15.00 -22.93
C THR B 253 -1.88 -14.38 -22.43
N CYS B 254 -2.34 -13.34 -23.13
CA CYS B 254 -3.67 -12.79 -22.94
C CYS B 254 -4.52 -13.14 -24.15
N ARG B 255 -5.70 -13.69 -23.92
CA ARG B 255 -6.56 -14.18 -24.99
C ARG B 255 -7.92 -13.51 -24.90
N LEU B 256 -8.46 -13.13 -26.06
CA LEU B 256 -9.76 -12.48 -26.15
C LEU B 256 -10.73 -13.43 -26.84
N PHE B 257 -11.84 -13.74 -26.17
CA PHE B 257 -12.84 -14.66 -26.67
C PHE B 257 -14.14 -13.91 -26.96
N ASP B 258 -14.84 -14.34 -28.00
CA ASP B 258 -16.09 -13.74 -28.42
C ASP B 258 -17.26 -14.57 -27.92
N LEU B 259 -18.21 -13.93 -27.23
CA LEU B 259 -19.35 -14.65 -26.69
C LEU B 259 -20.22 -15.22 -27.81
N ARG B 260 -20.41 -14.47 -28.89
CA ARG B 260 -21.30 -14.91 -29.96
C ARG B 260 -20.73 -16.05 -30.78
N ALA B 261 -19.44 -16.36 -30.65
CA ALA B 261 -18.82 -17.45 -31.38
C ALA B 261 -18.13 -18.48 -30.50
N ASP B 262 -17.68 -18.10 -29.31
CA ASP B 262 -16.92 -18.96 -28.39
C ASP B 262 -15.58 -19.40 -28.96
N GLN B 263 -15.02 -18.62 -29.88
CA GLN B 263 -13.68 -18.88 -30.39
C GLN B 263 -12.63 -18.18 -29.53
N GLU B 264 -11.38 -18.30 -29.94
CA GLU B 264 -10.28 -17.51 -29.40
C GLU B 264 -9.81 -16.59 -30.53
N LEU B 265 -10.35 -15.37 -30.55
CA LEU B 265 -10.15 -14.50 -31.70
C LEU B 265 -8.68 -14.12 -31.88
N MET B 266 -7.98 -13.83 -30.79
CA MET B 266 -6.58 -13.46 -30.87
C MET B 266 -5.89 -13.78 -29.55
N THR B 267 -4.58 -13.98 -29.63
CA THR B 267 -3.73 -14.20 -28.48
C THR B 267 -2.65 -13.12 -28.45
N TYR B 268 -2.46 -12.52 -27.28
CA TYR B 268 -1.52 -11.41 -27.12
C TYR B 268 -0.33 -11.91 -26.31
N SER B 269 0.81 -12.09 -26.97
CA SER B 269 2.00 -12.63 -26.32
C SER B 269 3.21 -12.34 -27.17
N HIS B 270 4.29 -11.90 -26.53
CA HIS B 270 5.57 -11.67 -27.18
C HIS B 270 6.57 -12.72 -26.73
N ASP B 271 7.49 -13.06 -27.64
CA ASP B 271 8.48 -14.10 -27.34
C ASP B 271 9.42 -13.70 -26.21
N ASN B 272 9.56 -12.41 -25.93
CA ASN B 272 10.46 -11.94 -24.88
C ASN B 272 9.77 -11.83 -23.52
N ILE B 273 8.50 -12.22 -23.41
CA ILE B 273 7.75 -12.13 -22.16
C ILE B 273 7.53 -13.55 -21.64
N ILE B 274 8.05 -13.83 -20.45
CA ILE B 274 7.86 -15.11 -19.78
C ILE B 274 7.17 -14.98 -18.43
N CYS B 275 6.83 -13.76 -18.02
CA CYS B 275 6.17 -13.53 -16.75
C CYS B 275 4.66 -13.78 -16.88
N GLY B 276 3.92 -13.48 -15.82
CA GLY B 276 2.49 -13.73 -15.77
C GLY B 276 1.69 -12.44 -15.76
N ILE B 277 0.46 -12.52 -16.26
CA ILE B 277 -0.45 -11.38 -16.29
C ILE B 277 -1.32 -11.41 -15.05
N THR B 278 -1.40 -10.27 -14.36
CA THR B 278 -2.20 -10.16 -13.15
C THR B 278 -3.41 -9.26 -13.28
N SER B 279 -3.48 -8.44 -14.33
CA SER B 279 -4.60 -7.52 -14.51
C SER B 279 -4.82 -7.28 -16.00
N VAL B 280 -6.09 -7.12 -16.38
CA VAL B 280 -6.48 -6.83 -17.75
C VAL B 280 -7.66 -5.86 -17.73
N SER B 281 -7.66 -4.94 -18.69
CA SER B 281 -8.76 -4.00 -18.84
C SER B 281 -8.76 -3.46 -20.26
N PHE B 282 -9.86 -2.80 -20.62
CA PHE B 282 -10.04 -2.24 -21.95
C PHE B 282 -10.26 -0.73 -21.86
N SER B 283 -9.77 -0.02 -22.87
CA SER B 283 -10.07 1.40 -23.00
C SER B 283 -11.45 1.57 -23.61
N LYS B 284 -11.95 2.81 -23.60
CA LYS B 284 -13.31 3.07 -24.06
C LYS B 284 -13.40 3.19 -25.57
N SER B 285 -12.77 2.28 -26.30
CA SER B 285 -13.08 2.00 -27.70
C SER B 285 -13.06 0.53 -28.04
N GLY B 286 -12.36 -0.31 -27.28
CA GLY B 286 -12.25 -1.71 -27.60
C GLY B 286 -10.87 -2.10 -28.08
N ARG B 287 -10.25 -1.26 -28.91
CA ARG B 287 -8.96 -1.60 -29.53
C ARG B 287 -7.77 -1.10 -28.70
N LEU B 288 -7.83 -1.35 -27.39
CA LEU B 288 -6.68 -1.09 -26.52
C LEU B 288 -6.84 -1.99 -25.29
N LEU B 289 -6.08 -3.09 -25.27
CA LEU B 289 -6.09 -4.02 -24.15
C LEU B 289 -4.87 -3.76 -23.29
N LEU B 290 -5.10 -3.30 -22.06
CA LEU B 290 -4.03 -3.03 -21.11
C LEU B 290 -3.88 -4.23 -20.19
N ALA B 291 -2.71 -4.85 -20.19
CA ALA B 291 -2.45 -6.06 -19.43
C ALA B 291 -1.23 -5.86 -18.55
N GLY B 292 -1.43 -5.93 -17.24
CA GLY B 292 -0.31 -5.90 -16.33
C GLY B 292 0.52 -7.17 -16.43
N TYR B 293 1.78 -7.07 -16.04
CA TYR B 293 2.72 -8.17 -16.17
C TYR B 293 3.54 -8.31 -14.90
N ASP B 294 4.03 -9.53 -14.66
CA ASP B 294 4.83 -9.79 -13.47
C ASP B 294 6.23 -9.22 -13.56
N ASP B 295 6.70 -8.87 -14.75
CA ASP B 295 8.04 -8.33 -14.89
C ASP B 295 8.06 -6.83 -14.58
N PHE B 296 7.47 -6.45 -13.45
CA PHE B 296 7.48 -5.07 -12.94
C PHE B 296 6.94 -4.08 -13.96
N ASN B 297 6.18 -4.53 -14.95
CA ASN B 297 5.79 -3.68 -16.07
C ASN B 297 4.33 -3.92 -16.43
N CYS B 298 3.74 -2.94 -17.10
CA CYS B 298 2.44 -3.06 -17.73
C CYS B 298 2.61 -2.77 -19.22
N ASN B 299 2.01 -3.62 -20.06
CA ASN B 299 2.23 -3.56 -21.49
C ASN B 299 0.90 -3.38 -22.20
N VAL B 300 0.81 -2.37 -23.07
CA VAL B 300 -0.42 -2.01 -23.76
C VAL B 300 -0.43 -2.69 -25.11
N TRP B 301 -1.50 -3.42 -25.41
CA TRP B 301 -1.63 -4.16 -26.64
C TRP B 301 -2.76 -3.59 -27.48
N ASP B 302 -2.54 -3.52 -28.79
CA ASP B 302 -3.61 -3.16 -29.72
C ASP B 302 -4.52 -4.36 -29.90
N ALA B 303 -5.79 -4.20 -29.52
CA ALA B 303 -6.69 -5.35 -29.50
C ALA B 303 -6.99 -5.87 -30.90
N LEU B 304 -7.15 -4.96 -31.87
CA LEU B 304 -7.52 -5.40 -33.22
C LEU B 304 -6.37 -6.13 -33.89
N LYS B 305 -5.26 -5.44 -34.12
CA LYS B 305 -4.05 -6.05 -34.68
C LYS B 305 -3.19 -6.51 -33.50
N ALA B 306 -3.00 -7.81 -33.38
CA ALA B 306 -2.30 -8.37 -32.22
C ALA B 306 -0.82 -7.98 -32.30
N ASP B 307 -0.46 -6.93 -31.60
CA ASP B 307 0.92 -6.45 -31.55
C ASP B 307 1.06 -5.54 -30.33
N ARG B 308 2.17 -4.82 -30.26
CA ARG B 308 2.49 -3.98 -29.12
C ARG B 308 2.34 -2.51 -29.49
N ALA B 309 1.76 -1.74 -28.56
CA ALA B 309 1.56 -0.30 -28.78
C ALA B 309 2.03 0.57 -27.62
N GLY B 310 2.40 -0.01 -26.48
CA GLY B 310 2.82 0.77 -25.33
C GLY B 310 3.43 -0.09 -24.24
N VAL B 311 4.56 0.35 -23.70
CA VAL B 311 5.32 -0.44 -22.74
C VAL B 311 5.58 0.37 -21.48
N LEU B 312 4.65 1.27 -21.16
CA LEU B 312 4.76 2.15 -20.00
C LEU B 312 5.24 1.40 -18.77
N ALA B 313 6.19 2.01 -18.05
CA ALA B 313 6.89 1.33 -16.97
C ALA B 313 7.25 2.33 -15.88
N GLY B 314 7.73 1.79 -14.75
CA GLY B 314 8.05 2.63 -13.62
C GLY B 314 7.73 1.97 -12.29
N HIS B 315 7.19 0.76 -12.33
CA HIS B 315 6.81 0.03 -11.13
C HIS B 315 7.97 -0.88 -10.71
N ASP B 316 8.33 -0.82 -9.43
CA ASP B 316 9.47 -1.58 -8.93
C ASP B 316 9.14 -3.07 -8.80
N ASN B 317 7.96 -3.39 -8.28
CA ASN B 317 7.54 -4.77 -8.07
C ASN B 317 6.47 -5.14 -9.10
N ARG B 318 5.96 -6.36 -8.97
CA ARG B 318 4.91 -6.82 -9.88
C ARG B 318 3.66 -5.96 -9.71
N VAL B 319 2.96 -5.73 -10.82
CA VAL B 319 1.69 -5.03 -10.80
C VAL B 319 0.58 -6.04 -10.56
N SER B 320 -0.33 -5.70 -9.66
CA SER B 320 -1.39 -6.63 -9.25
C SER B 320 -2.78 -6.21 -9.70
N CYS B 321 -3.05 -4.92 -9.83
CA CYS B 321 -4.37 -4.44 -10.19
C CYS B 321 -4.23 -3.33 -11.23
N LEU B 322 -5.27 -3.20 -12.06
CA LEU B 322 -5.26 -2.23 -13.14
C LEU B 322 -6.68 -2.05 -13.66
N GLY B 323 -7.04 -0.81 -13.97
CA GLY B 323 -8.38 -0.51 -14.46
C GLY B 323 -8.51 0.85 -15.09
N VAL B 324 -9.18 0.91 -16.25
CA VAL B 324 -9.44 2.16 -16.95
C VAL B 324 -10.71 2.79 -16.38
N THR B 325 -10.74 4.12 -16.31
CA THR B 325 -11.92 4.82 -15.85
C THR B 325 -13.08 4.61 -16.83
N ASP B 326 -14.28 4.99 -16.38
CA ASP B 326 -15.46 4.80 -17.20
C ASP B 326 -15.43 5.67 -18.45
N ASP B 327 -14.84 6.85 -18.37
CA ASP B 327 -14.76 7.77 -19.50
C ASP B 327 -13.47 7.60 -20.31
N GLY B 328 -12.61 6.66 -19.93
CA GLY B 328 -11.37 6.47 -20.66
C GLY B 328 -10.31 7.52 -20.40
N MET B 329 -10.46 8.34 -19.37
CA MET B 329 -9.50 9.41 -19.11
C MET B 329 -8.11 8.87 -18.83
N ALA B 330 -8.00 7.91 -17.91
CA ALA B 330 -6.70 7.47 -17.43
C ALA B 330 -6.74 5.99 -17.07
N VAL B 331 -5.57 5.45 -16.79
CA VAL B 331 -5.40 4.06 -16.37
C VAL B 331 -4.59 4.05 -15.07
N ALA B 332 -5.10 3.35 -14.06
CA ALA B 332 -4.46 3.26 -12.77
C ALA B 332 -3.89 1.86 -12.58
N THR B 333 -2.61 1.78 -12.21
CA THR B 333 -1.92 0.52 -12.02
C THR B 333 -1.48 0.41 -10.57
N GLY B 334 -1.76 -0.73 -9.95
CA GLY B 334 -1.34 -1.01 -8.58
C GLY B 334 -0.31 -2.13 -8.58
N SER B 335 0.70 -1.98 -7.73
CA SER B 335 1.82 -2.92 -7.68
C SER B 335 2.15 -3.24 -6.23
N TRP B 336 3.01 -4.24 -6.04
CA TRP B 336 3.38 -4.68 -4.70
C TRP B 336 4.26 -3.69 -3.96
N ASP B 337 4.74 -2.64 -4.64
CA ASP B 337 5.56 -1.62 -4.00
C ASP B 337 4.75 -0.58 -3.25
N SER B 338 3.49 -0.88 -2.95
CA SER B 338 2.60 0.00 -2.20
C SER B 338 2.38 1.34 -2.90
N PHE B 339 2.36 1.33 -4.23
CA PHE B 339 2.17 2.54 -5.02
C PHE B 339 1.10 2.31 -6.09
N LEU B 340 0.27 3.32 -6.29
CA LEU B 340 -0.66 3.36 -7.41
C LEU B 340 -0.26 4.51 -8.34
N LYS B 341 -0.22 4.22 -9.64
CA LYS B 341 0.24 5.20 -10.62
C LYS B 341 -0.84 5.40 -11.66
N ILE B 342 -1.15 6.66 -11.95
CA ILE B 342 -2.18 7.05 -12.92
C ILE B 342 -1.49 7.36 -14.24
N TRP B 343 -1.92 6.69 -15.31
CA TRP B 343 -1.32 6.84 -16.62
C TRP B 343 -2.30 7.52 -17.59
N ASN B 344 -1.76 8.38 -18.44
CA ASN B 344 -2.58 9.08 -19.42
C ASN B 344 -1.80 9.35 -20.71
N ASN C 5 -20.21 -44.18 -7.07
CA ASN C 5 -21.33 -44.22 -6.13
C ASN C 5 -22.44 -43.27 -6.57
N THR C 6 -23.40 -43.04 -5.68
CA THR C 6 -24.52 -42.15 -6.00
C THR C 6 -24.04 -40.72 -6.21
N ALA C 7 -23.11 -40.25 -5.36
CA ALA C 7 -22.58 -38.90 -5.53
C ALA C 7 -21.83 -38.75 -6.84
N SER C 8 -21.02 -39.75 -7.19
CA SER C 8 -20.31 -39.71 -8.46
C SER C 8 -21.28 -39.73 -9.64
N ILE C 9 -22.34 -40.53 -9.54
CA ILE C 9 -23.35 -40.59 -10.59
C ILE C 9 -24.02 -39.23 -10.75
N ALA C 10 -24.39 -38.59 -9.63
CA ALA C 10 -25.02 -37.28 -9.70
C ALA C 10 -24.09 -36.23 -10.29
N GLN C 11 -22.81 -36.27 -9.90
CA GLN C 11 -21.84 -35.30 -10.43
C GLN C 11 -21.65 -35.50 -11.93
N ALA C 12 -21.55 -36.76 -12.38
CA ALA C 12 -21.41 -37.04 -13.81
C ALA C 12 -22.64 -36.59 -14.58
N ARG C 13 -23.83 -36.83 -14.01
CA ARG C 13 -25.06 -36.38 -14.66
C ARG C 13 -25.11 -34.86 -14.78
N LYS C 14 -24.70 -34.16 -13.71
CA LYS C 14 -24.68 -32.70 -13.76
C LYS C 14 -23.70 -32.20 -14.81
N LEU C 15 -22.51 -32.81 -14.87
CA LEU C 15 -21.53 -32.39 -15.88
C LEU C 15 -22.04 -32.65 -17.29
N VAL C 16 -22.66 -33.80 -17.51
CA VAL C 16 -23.21 -34.12 -18.83
C VAL C 16 -24.31 -33.13 -19.20
N GLU C 17 -25.19 -32.82 -18.24
CA GLU C 17 -26.27 -31.87 -18.51
C GLU C 17 -25.73 -30.49 -18.86
N GLN C 18 -24.73 -30.03 -18.11
CA GLN C 18 -24.13 -28.72 -18.40
C GLN C 18 -23.48 -28.70 -19.78
N LEU C 19 -22.72 -29.75 -20.11
CA LEU C 19 -22.08 -29.81 -21.41
C LEU C 19 -23.10 -29.85 -22.55
N LYS C 20 -24.16 -30.64 -22.38
CA LYS C 20 -25.19 -30.72 -23.42
C LYS C 20 -25.91 -29.40 -23.59
N MET C 21 -26.24 -28.72 -22.47
CA MET C 21 -26.96 -27.46 -22.58
C MET C 21 -26.06 -26.36 -23.16
N GLU C 22 -24.74 -26.46 -22.96
CA GLU C 22 -23.85 -25.53 -23.64
C GLU C 22 -23.77 -25.84 -25.13
N ALA C 23 -23.67 -27.12 -25.49
CA ALA C 23 -23.55 -27.50 -26.88
C ALA C 23 -24.84 -27.25 -27.67
N ASN C 24 -25.98 -27.17 -26.98
CA ASN C 24 -27.25 -26.88 -27.65
C ASN C 24 -27.51 -25.39 -27.76
N ILE C 25 -26.54 -24.66 -28.31
CA ILE C 25 -26.64 -23.22 -28.50
C ILE C 25 -26.15 -22.89 -29.90
N ASP C 26 -26.90 -22.06 -30.61
CA ASP C 26 -26.50 -21.61 -31.94
C ASP C 26 -25.37 -20.60 -31.85
N ARG C 27 -24.54 -20.57 -32.88
CA ARG C 27 -23.38 -19.69 -32.95
C ARG C 27 -23.47 -18.81 -34.20
N ILE C 28 -22.50 -17.91 -34.33
CA ILE C 28 -22.41 -17.02 -35.49
C ILE C 28 -21.02 -17.20 -36.11
N LYS C 29 -20.85 -16.58 -37.28
CA LYS C 29 -19.57 -16.64 -37.97
C LYS C 29 -18.53 -15.79 -37.24
N VAL C 30 -17.29 -16.28 -37.22
CA VAL C 30 -16.20 -15.54 -36.59
C VAL C 30 -15.93 -14.24 -37.33
N SER C 31 -16.08 -14.25 -38.66
CA SER C 31 -15.87 -13.04 -39.45
C SER C 31 -16.85 -11.95 -39.05
N LYS C 32 -18.12 -12.32 -38.80
CA LYS C 32 -19.10 -11.33 -38.38
C LYS C 32 -18.73 -10.72 -37.03
N ALA C 33 -18.27 -11.55 -36.09
CA ALA C 33 -17.86 -11.04 -34.78
C ALA C 33 -16.67 -10.11 -34.91
N ALA C 34 -15.69 -10.47 -35.75
CA ALA C 34 -14.55 -9.60 -35.97
C ALA C 34 -14.97 -8.28 -36.60
N ALA C 35 -15.90 -8.33 -37.56
CA ALA C 35 -16.39 -7.11 -38.19
C ALA C 35 -17.10 -6.21 -37.17
N ASP C 36 -17.90 -6.81 -36.29
CA ASP C 36 -18.59 -6.03 -35.26
C ASP C 36 -17.59 -5.40 -34.31
N LEU C 37 -16.55 -6.15 -33.92
CA LEU C 37 -15.53 -5.60 -33.03
C LEU C 37 -14.80 -4.45 -33.71
N MET C 38 -14.46 -4.59 -34.99
CA MET C 38 -13.80 -3.49 -35.69
C MET C 38 -14.72 -2.29 -35.82
N ALA C 39 -16.02 -2.52 -36.06
CA ALA C 39 -16.96 -1.42 -36.18
C ALA C 39 -17.06 -0.65 -34.87
N TYR C 40 -17.12 -1.37 -33.74
CA TYR C 40 -17.14 -0.67 -32.45
C TYR C 40 -15.82 0.06 -32.20
N CYS C 41 -14.69 -0.56 -32.55
CA CYS C 41 -13.39 0.06 -32.32
C CYS C 41 -13.10 1.20 -33.28
N GLU C 42 -13.88 1.35 -34.34
CA GLU C 42 -13.67 2.43 -35.31
C GLU C 42 -14.70 3.54 -35.21
N ALA C 43 -15.96 3.21 -34.91
CA ALA C 43 -16.97 4.25 -34.73
C ALA C 43 -16.80 4.96 -33.38
N HIS C 44 -16.25 4.28 -32.39
CA HIS C 44 -16.01 4.86 -31.07
C HIS C 44 -14.58 5.32 -30.88
N ALA C 45 -13.75 5.29 -31.93
CA ALA C 45 -12.37 5.71 -31.80
C ALA C 45 -12.25 7.23 -31.93
N LYS C 46 -13.10 7.95 -31.18
CA LYS C 46 -12.98 9.39 -31.07
C LYS C 46 -13.23 9.92 -29.66
N GLU C 47 -13.81 9.13 -28.76
CA GLU C 47 -14.11 9.55 -27.41
C GLU C 47 -13.20 8.92 -26.38
N ASP C 48 -12.13 8.25 -26.81
CA ASP C 48 -11.21 7.61 -25.89
C ASP C 48 -9.98 8.47 -25.73
N PRO C 49 -9.73 9.06 -24.57
CA PRO C 49 -8.51 9.84 -24.39
C PRO C 49 -7.27 8.98 -24.15
N LEU C 50 -7.14 7.91 -24.92
CA LEU C 50 -5.96 7.06 -24.88
C LEU C 50 -5.36 6.82 -26.26
N LEU C 51 -6.21 6.64 -27.27
CA LEU C 51 -5.70 6.44 -28.63
C LEU C 51 -5.19 7.77 -29.21
N THR C 52 -5.96 8.83 -29.03
CA THR C 52 -5.58 10.17 -29.49
C THR C 52 -5.45 11.09 -28.29
N PRO C 53 -4.23 11.44 -27.87
CA PRO C 53 -4.07 12.32 -26.72
C PRO C 53 -4.81 13.65 -26.87
N VAL C 54 -5.82 13.85 -26.03
CA VAL C 54 -6.61 15.08 -26.01
C VAL C 54 -5.70 16.22 -25.54
N PRO C 55 -5.90 17.44 -26.02
CA PRO C 55 -5.09 18.56 -25.51
C PRO C 55 -5.27 18.74 -24.00
N ALA C 56 -4.22 19.26 -23.36
CA ALA C 56 -4.18 19.33 -21.90
C ALA C 56 -5.29 20.19 -21.33
N SER C 57 -5.92 21.04 -22.14
CA SER C 57 -7.05 21.84 -21.65
C SER C 57 -8.21 20.94 -21.24
N GLU C 58 -8.49 19.90 -22.02
CA GLU C 58 -9.57 18.97 -21.73
C GLU C 58 -9.11 17.75 -20.96
N ASN C 59 -7.84 17.67 -20.60
CA ASN C 59 -7.32 16.55 -19.84
C ASN C 59 -7.31 16.90 -18.36
N PRO C 60 -8.09 16.23 -17.51
CA PRO C 60 -8.13 16.60 -16.09
C PRO C 60 -6.92 16.12 -15.30
N PHE C 61 -6.07 15.29 -15.89
CA PHE C 61 -4.86 14.81 -15.23
C PHE C 61 -3.62 15.59 -15.61
N ARG C 62 -3.75 16.65 -16.41
CA ARG C 62 -2.61 17.46 -16.80
C ARG C 62 -2.74 18.89 -16.28
N GLN D 2 59.87 12.87 2.46
CA GLN D 2 59.22 14.12 2.05
C GLN D 2 58.65 13.98 0.65
N VAL D 3 59.54 13.77 -0.32
CA VAL D 3 59.13 13.59 -1.72
C VAL D 3 58.34 12.30 -1.81
N ALA D 4 57.40 12.24 -2.76
CA ALA D 4 56.56 11.08 -3.02
C ALA D 4 55.62 10.78 -1.86
N LEU D 5 55.68 11.59 -0.80
CA LEU D 5 54.73 11.49 0.29
C LEU D 5 53.55 12.42 0.01
N SER D 6 53.68 13.21 -1.05
CA SER D 6 52.59 14.04 -1.54
C SER D 6 52.04 13.60 -2.88
N SER D 7 52.82 12.86 -3.68
CA SER D 7 52.30 12.31 -4.93
C SER D 7 51.14 11.37 -4.65
N ILE D 8 51.34 10.38 -3.76
CA ILE D 8 50.25 9.48 -3.38
C ILE D 8 49.17 10.15 -2.55
N SER D 9 49.42 11.37 -2.09
CA SER D 9 48.41 12.17 -1.39
C SER D 9 47.68 13.12 -2.32
N TYR D 10 48.10 13.21 -3.58
CA TYR D 10 47.41 14.07 -4.54
C TYR D 10 46.55 13.25 -5.49
N VAL D 11 47.13 12.22 -6.12
CA VAL D 11 46.34 11.36 -6.99
C VAL D 11 45.37 10.48 -6.20
N GLY D 12 45.58 10.36 -4.90
CA GLY D 12 44.66 9.60 -4.07
C GLY D 12 43.43 10.40 -3.71
N CYS D 13 43.62 11.66 -3.32
CA CYS D 13 42.50 12.51 -2.92
C CYS D 13 41.77 13.08 -4.14
N SER D 14 42.36 12.96 -5.32
CA SER D 14 41.73 13.44 -6.56
C SER D 14 40.94 12.33 -7.23
N LEU D 15 41.53 11.15 -7.36
CA LEU D 15 40.78 10.02 -7.91
C LEU D 15 39.63 9.62 -6.99
N SER D 16 39.77 9.89 -5.69
CA SER D 16 38.68 9.66 -4.76
C SER D 16 37.55 10.67 -4.95
N VAL D 17 37.89 11.92 -5.31
CA VAL D 17 36.88 12.94 -5.50
C VAL D 17 35.94 12.57 -6.65
N LEU D 18 36.51 12.11 -7.76
CA LEU D 18 35.67 11.69 -8.88
C LEU D 18 34.81 10.47 -8.50
N CYS D 19 35.41 9.52 -7.77
CA CYS D 19 34.65 8.34 -7.34
C CYS D 19 33.54 8.72 -6.37
N LEU D 20 33.80 9.66 -5.47
CA LEU D 20 32.76 10.08 -4.53
C LEU D 20 31.66 10.87 -5.23
N VAL D 21 32.02 11.66 -6.24
CA VAL D 21 31.01 12.34 -7.04
C VAL D 21 30.14 11.32 -7.76
N ALA D 22 30.77 10.28 -8.31
CA ALA D 22 30.02 9.20 -8.93
C ALA D 22 29.10 8.51 -7.93
N THR D 23 29.58 8.29 -6.72
CA THR D 23 28.75 7.67 -5.68
C THR D 23 27.53 8.54 -5.37
N LEU D 24 27.73 9.84 -5.18
CA LEU D 24 26.63 10.74 -4.86
C LEU D 24 25.63 10.80 -6.01
N VAL D 25 26.11 10.89 -7.25
CA VAL D 25 25.19 10.98 -8.38
C VAL D 25 24.45 9.66 -8.58
N THR D 26 25.10 8.53 -8.30
CA THR D 26 24.42 7.24 -8.41
C THR D 26 23.34 7.10 -7.35
N PHE D 27 23.62 7.53 -6.12
CA PHE D 27 22.59 7.47 -5.08
C PHE D 27 21.45 8.42 -5.37
N ALA D 28 21.75 9.63 -5.87
CA ALA D 28 20.69 10.58 -6.21
C ALA D 28 19.83 10.06 -7.36
N VAL D 29 20.44 9.53 -8.40
CA VAL D 29 19.69 9.00 -9.53
C VAL D 29 18.87 7.78 -9.10
N LEU D 30 19.48 6.88 -8.34
CA LEU D 30 18.81 5.67 -7.88
C LEU D 30 18.06 5.91 -6.57
N SER D 31 17.22 6.93 -6.55
CA SER D 31 16.42 7.26 -5.37
C SER D 31 14.94 6.98 -5.58
N SER D 32 14.57 6.27 -6.65
CA SER D 32 13.19 5.94 -6.96
C SER D 32 13.02 4.43 -7.13
N VAL D 33 13.72 3.66 -6.32
CA VAL D 33 13.69 2.21 -6.42
C VAL D 33 13.05 1.54 -5.19
N SER D 34 12.97 2.25 -4.07
CA SER D 34 12.41 1.84 -2.78
C SER D 34 13.33 0.87 -2.04
N THR D 35 14.43 0.43 -2.64
CA THR D 35 15.46 -0.30 -1.91
C THR D 35 16.62 0.58 -1.50
N ILE D 36 16.82 1.71 -2.19
CA ILE D 36 17.85 2.67 -1.86
C ILE D 36 17.27 3.84 -1.03
N ARG D 37 16.10 3.64 -0.44
CA ARG D 37 15.39 4.69 0.28
C ARG D 37 15.26 4.36 1.77
N ASN D 38 16.35 3.88 2.37
CA ASN D 38 16.39 3.57 3.79
C ASN D 38 17.54 4.34 4.44
N GLN D 39 17.68 4.18 5.75
CA GLN D 39 18.75 4.86 6.48
C GLN D 39 20.12 4.40 6.02
N ARG D 40 20.23 3.15 5.58
CA ARG D 40 21.53 2.63 5.13
C ARG D 40 22.05 3.43 3.94
N TYR D 41 21.20 3.70 2.96
CA TYR D 41 21.58 4.63 1.90
C TYR D 41 21.12 6.05 2.23
N HIS D 42 21.38 6.46 3.47
CA HIS D 42 21.26 7.85 3.87
C HIS D 42 22.49 8.22 4.68
N ILE D 43 23.08 7.20 5.32
CA ILE D 43 24.36 7.39 5.98
C ILE D 43 25.50 7.26 4.99
N HIS D 44 25.37 6.34 4.01
CA HIS D 44 26.36 6.25 2.95
C HIS D 44 26.41 7.53 2.13
N ALA D 45 25.25 8.07 1.77
CA ALA D 45 25.21 9.26 0.94
C ALA D 45 25.79 10.47 1.66
N ASN D 46 25.45 10.64 2.94
CA ASN D 46 25.97 11.78 3.69
C ASN D 46 27.46 11.63 3.95
N LEU D 47 27.90 10.42 4.30
CA LEU D 47 29.34 10.20 4.50
C LEU D 47 30.10 10.40 3.20
N SER D 48 29.53 9.93 2.08
CA SER D 48 30.19 10.14 0.79
C SER D 48 30.35 11.61 0.49
N PHE D 49 29.29 12.40 0.72
CA PHE D 49 29.36 13.84 0.47
C PHE D 49 30.39 14.50 1.38
N ALA D 50 30.40 14.12 2.67
CA ALA D 50 31.34 14.73 3.61
C ALA D 50 32.78 14.43 3.22
N VAL D 51 33.06 13.17 2.88
CA VAL D 51 34.43 12.80 2.50
C VAL D 51 34.82 13.47 1.18
N LEU D 52 33.89 13.53 0.23
CA LEU D 52 34.18 14.18 -1.05
C LEU D 52 34.56 15.63 -0.86
N VAL D 53 33.73 16.38 -0.13
CA VAL D 53 33.99 17.80 0.06
C VAL D 53 35.22 18.01 0.93
N ALA D 54 35.48 17.11 1.88
CA ALA D 54 36.68 17.21 2.70
C ALA D 54 37.93 17.04 1.86
N GLN D 55 37.93 16.05 0.95
CA GLN D 55 39.10 15.85 0.09
C GLN D 55 39.23 16.98 -0.92
N VAL D 56 38.11 17.53 -1.38
CA VAL D 56 38.15 18.69 -2.27
C VAL D 56 38.82 19.86 -1.56
N LEU D 57 38.45 20.10 -0.30
CA LEU D 57 39.11 21.12 0.50
C LEU D 57 40.59 20.82 0.67
N LEU D 58 40.92 19.54 0.93
CA LEU D 58 42.32 19.16 1.12
C LEU D 58 43.13 19.36 -0.15
N LEU D 59 42.48 19.37 -1.31
CA LEU D 59 43.17 19.58 -2.58
C LEU D 59 43.06 21.02 -3.07
N ILE D 60 41.84 21.56 -3.15
CA ILE D 60 41.65 22.92 -3.65
C ILE D 60 42.32 23.93 -2.74
N SER D 61 42.33 23.67 -1.43
CA SER D 61 42.99 24.55 -0.48
C SER D 61 44.36 24.02 -0.06
N PHE D 62 44.89 23.03 -0.78
CA PHE D 62 46.25 22.57 -0.52
C PHE D 62 47.27 23.66 -0.81
N ARG D 63 47.04 24.42 -1.88
CA ARG D 63 47.92 25.52 -2.28
C ARG D 63 47.22 26.83 -1.94
N LEU D 64 47.51 27.36 -0.76
CA LEU D 64 47.05 28.68 -0.35
C LEU D 64 48.13 29.32 0.51
N GLU D 65 48.16 30.64 0.50
CA GLU D 65 49.18 31.37 1.24
C GLU D 65 48.94 31.23 2.74
N PRO D 66 49.90 30.70 3.50
CA PRO D 66 49.71 30.61 4.95
C PRO D 66 49.55 32.00 5.57
N GLY D 67 48.59 32.12 6.45
CA GLY D 67 48.35 33.41 7.04
C GLY D 67 47.32 34.09 6.17
N THR D 68 47.31 33.77 4.89
CA THR D 68 46.30 34.39 4.10
C THR D 68 44.98 34.07 4.75
N THR D 69 44.23 35.10 5.06
CA THR D 69 42.93 34.92 5.70
C THR D 69 42.09 33.95 4.96
N PRO D 70 42.23 33.92 3.65
CA PRO D 70 41.46 32.87 3.02
C PRO D 70 41.81 31.62 3.69
N CYS D 71 43.07 31.29 3.62
CA CYS D 71 43.49 30.04 4.18
C CYS D 71 43.03 29.84 5.59
N GLN D 72 43.09 30.86 6.42
CA GLN D 72 42.73 30.65 7.78
C GLN D 72 41.37 30.01 7.86
N VAL D 73 40.43 30.41 7.01
CA VAL D 73 39.09 29.86 7.14
C VAL D 73 38.99 28.46 6.60
N MET D 74 39.66 28.18 5.51
CA MET D 74 39.65 26.87 5.02
C MET D 74 40.19 26.09 6.12
N ALA D 75 40.65 26.73 7.17
CA ALA D 75 41.15 25.84 8.20
C ALA D 75 40.07 25.52 9.23
N VAL D 76 39.31 26.53 9.65
CA VAL D 76 38.18 26.29 10.56
C VAL D 76 37.13 25.42 9.88
N LEU D 77 36.79 25.75 8.65
CA LEU D 77 35.78 25.00 7.91
C LEU D 77 36.31 23.66 7.39
N LEU D 78 37.63 23.46 7.38
CA LEU D 78 38.21 22.14 7.20
C LEU D 78 38.04 21.23 8.40
N HIS D 79 37.91 21.79 9.61
CA HIS D 79 37.82 21.01 10.83
C HIS D 79 36.41 20.54 11.13
N TYR D 80 35.39 21.22 10.62
CA TYR D 80 34.02 20.79 10.80
C TYR D 80 33.67 19.82 9.67
N PHE D 81 34.57 19.67 8.72
CA PHE D 81 34.22 18.98 7.49
C PHE D 81 35.02 17.69 7.42
N PHE D 82 36.01 17.55 8.30
CA PHE D 82 36.65 16.28 8.59
C PHE D 82 36.11 15.60 9.83
N LEU D 83 35.71 16.37 10.85
CA LEU D 83 35.05 15.79 12.01
C LEU D 83 33.68 15.22 11.65
N SER D 84 32.98 15.86 10.71
CA SER D 84 31.71 15.33 10.24
C SER D 84 31.88 13.99 9.54
N ALA D 85 32.96 13.82 8.78
CA ALA D 85 33.23 12.53 8.15
C ALA D 85 33.46 11.46 9.21
N PHE D 86 34.19 11.80 10.28
CA PHE D 86 34.37 10.85 11.37
C PHE D 86 33.07 10.60 12.11
N ALA D 87 32.26 11.64 12.30
CA ALA D 87 30.98 11.46 12.98
C ALA D 87 30.07 10.52 12.19
N TRP D 88 30.05 10.64 10.87
CA TRP D 88 29.25 9.74 10.05
C TRP D 88 29.77 8.31 10.06
N MET D 89 31.06 8.12 10.36
CA MET D 89 31.58 6.76 10.46
C MET D 89 31.06 6.06 11.71
N LEU D 90 30.91 6.79 12.81
CA LEU D 90 30.30 6.18 14.00
C LEU D 90 28.82 5.92 13.79
N VAL D 91 28.12 6.79 13.06
CA VAL D 91 26.75 6.50 12.68
C VAL D 91 26.68 5.24 11.84
N GLU D 92 27.67 5.03 10.97
CA GLU D 92 27.77 3.77 10.26
C GLU D 92 27.99 2.62 11.23
N GLY D 93 28.88 2.80 12.20
CA GLY D 93 29.12 1.75 13.18
C GLY D 93 27.92 1.50 14.07
N LEU D 94 27.27 2.56 14.53
CA LEU D 94 26.10 2.40 15.40
C LEU D 94 24.96 1.74 14.64
N HIS D 95 24.75 2.11 13.38
CA HIS D 95 23.72 1.45 12.58
C HIS D 95 24.06 -0.02 12.36
N LEU D 96 25.33 -0.32 12.11
CA LEU D 96 25.76 -1.71 11.96
C LEU D 96 25.54 -2.49 13.25
N TYR D 97 25.84 -1.86 14.39
CA TYR D 97 25.57 -2.50 15.68
C TYR D 97 24.06 -2.65 15.91
N SER D 98 23.25 -1.78 15.33
CA SER D 98 21.81 -1.82 15.50
C SER D 98 21.13 -2.77 14.50
N MET D 99 21.89 -3.40 13.62
CA MET D 99 21.32 -4.36 12.67
C MET D 99 22.04 -5.69 12.64
N VAL D 100 23.18 -5.84 13.30
CA VAL D 100 23.93 -7.09 13.26
C VAL D 100 24.00 -7.69 14.66
N ILE D 101 24.58 -6.95 15.60
CA ILE D 101 24.71 -7.46 16.97
C ILE D 101 23.34 -7.51 17.64
N LYS D 102 22.69 -6.36 17.78
CA LYS D 102 21.29 -6.33 18.17
C LYS D 102 20.44 -6.24 16.92
N VAL D 103 19.41 -7.08 16.84
CA VAL D 103 18.72 -7.34 15.58
C VAL D 103 17.36 -6.67 15.51
N PHE D 104 16.58 -6.68 16.60
CA PHE D 104 15.23 -6.17 16.59
C PHE D 104 15.21 -4.67 16.85
N GLY D 105 14.24 -3.99 16.25
CA GLY D 105 14.18 -2.54 16.29
C GLY D 105 14.99 -1.84 15.24
N SER D 106 15.46 -2.57 14.21
CA SER D 106 16.32 -1.96 13.20
C SER D 106 15.52 -1.08 12.24
N GLU D 107 14.26 -1.39 12.02
CA GLU D 107 13.43 -0.64 11.09
C GLU D 107 12.86 0.65 11.69
N ASP D 108 13.07 0.88 12.98
CA ASP D 108 12.55 2.08 13.62
C ASP D 108 13.22 3.33 13.03
N SER D 109 12.43 4.38 12.86
CA SER D 109 12.91 5.62 12.26
C SER D 109 13.68 6.43 13.31
N LYS D 110 15.00 6.43 13.19
CA LYS D 110 15.88 7.22 14.04
C LYS D 110 16.65 8.24 13.21
N HIS D 111 15.96 8.86 12.26
CA HIS D 111 16.60 9.81 11.35
C HIS D 111 17.12 11.03 12.09
N ARG D 112 16.36 11.53 13.06
CA ARG D 112 16.72 12.77 13.73
C ARG D 112 18.05 12.65 14.48
N TYR D 113 18.25 11.54 15.19
CA TYR D 113 19.48 11.37 15.95
C TYR D 113 20.66 11.10 15.03
N TYR D 114 20.46 10.30 13.97
CA TYR D 114 21.54 10.02 13.04
C TYR D 114 21.99 11.29 12.33
N TYR D 115 21.04 12.11 11.87
CA TYR D 115 21.39 13.39 11.28
C TYR D 115 21.85 14.39 12.34
N GLY D 116 21.39 14.23 13.58
CA GLY D 116 21.78 15.14 14.63
C GLY D 116 23.21 15.00 15.08
N MET D 117 23.87 13.90 14.73
CA MET D 117 25.27 13.69 15.06
C MET D 117 26.20 13.80 13.87
N GLY D 118 25.78 13.33 12.69
CA GLY D 118 26.63 13.48 11.52
C GLY D 118 26.85 14.92 11.14
N TRP D 119 25.78 15.71 11.12
CA TRP D 119 25.85 17.14 10.87
C TRP D 119 25.25 17.86 12.07
N GLY D 120 26.05 18.71 12.71
CA GLY D 120 25.58 19.47 13.85
C GLY D 120 26.32 19.15 15.13
N PHE D 121 26.56 17.86 15.38
CA PHE D 121 27.39 17.49 16.52
C PHE D 121 28.83 18.00 16.32
N PRO D 122 29.45 17.82 15.15
CA PRO D 122 30.76 18.45 14.94
C PRO D 122 30.74 19.95 15.12
N LEU D 123 29.61 20.61 14.84
CA LEU D 123 29.49 22.03 15.14
C LEU D 123 29.67 22.30 16.62
N LEU D 124 29.20 21.38 17.47
CA LEU D 124 29.31 21.58 18.92
C LEU D 124 30.78 21.61 19.34
N ILE D 125 31.60 20.70 18.83
CA ILE D 125 33.03 20.78 19.11
C ILE D 125 33.63 22.01 18.44
N CYS D 126 33.19 22.30 17.21
CA CYS D 126 33.76 23.42 16.48
C CYS D 126 33.40 24.76 17.11
N ILE D 127 32.16 24.89 17.59
CA ILE D 127 31.76 26.13 18.25
C ILE D 127 32.53 26.31 19.56
N ILE D 128 32.81 25.20 20.26
CA ILE D 128 33.70 25.27 21.41
C ILE D 128 35.14 25.51 20.98
N SER D 129 35.59 24.88 19.89
CA SER D 129 36.92 25.14 19.36
C SER D 129 37.04 26.53 18.74
N LEU D 130 35.93 27.22 18.53
CA LEU D 130 35.94 28.61 18.09
C LEU D 130 35.78 29.59 19.24
N SER D 131 35.17 29.16 20.36
CA SER D 131 35.25 29.95 21.59
C SER D 131 36.49 29.56 22.38
N PHE D 132 37.60 29.50 21.65
CA PHE D 132 38.93 29.21 22.16
C PHE D 132 39.90 29.39 21.01
N ALA D 133 41.19 29.12 21.23
CA ALA D 133 42.17 29.09 20.15
C ALA D 133 42.11 30.34 19.27
N MET D 134 41.57 30.20 18.06
CA MET D 134 41.43 31.27 17.08
C MET D 134 42.80 31.71 16.57
N ASP D 135 43.85 31.03 17.01
CA ASP D 135 45.20 31.26 16.53
C ASP D 135 45.87 29.98 16.04
N SER D 136 45.47 28.82 16.55
CA SER D 136 45.97 27.56 16.00
C SER D 136 45.50 27.36 14.57
N TYR D 137 44.31 27.87 14.25
CA TYR D 137 43.86 27.87 12.88
C TYR D 137 44.74 28.79 12.04
N GLY D 138 44.84 28.47 10.75
CA GLY D 138 45.86 29.06 9.91
C GLY D 138 46.97 28.05 9.75
N THR D 139 48.23 28.48 9.89
CA THR D 139 49.40 27.67 10.26
C THR D 139 50.68 28.50 10.25
N SER D 140 51.78 27.89 10.69
CA SER D 140 53.11 28.29 10.27
C SER D 140 53.42 27.77 8.87
N ASN D 141 52.70 26.73 8.47
CA ASN D 141 52.81 26.19 7.13
C ASN D 141 51.70 25.18 6.99
N ASN D 142 51.21 24.95 5.78
CA ASN D 142 50.16 23.98 5.50
C ASN D 142 48.72 24.48 5.45
N CYS D 143 48.30 25.33 6.37
CA CYS D 143 46.93 25.84 6.40
C CYS D 143 45.93 24.90 7.05
N TRP D 144 46.40 24.03 7.96
CA TRP D 144 45.53 23.09 8.65
C TRP D 144 45.09 23.59 10.01
N LEU D 145 45.47 22.89 11.06
CA LEU D 145 45.13 23.33 12.42
C LEU D 145 46.24 23.10 13.40
N SER D 146 47.45 23.53 13.05
CA SER D 146 48.59 23.39 13.94
C SER D 146 48.70 22.00 14.44
N LEU D 147 49.25 21.12 13.63
CA LEU D 147 49.37 19.74 14.00
C LEU D 147 50.33 19.69 15.10
N ALA D 148 50.38 20.75 15.86
CA ALA D 148 51.26 20.77 17.00
C ALA D 148 50.84 21.89 17.85
N SER D 149 49.63 21.84 18.33
CA SER D 149 49.25 22.87 19.25
C SER D 149 48.24 22.34 20.18
N GLY D 150 47.52 23.23 20.80
CA GLY D 150 46.61 22.77 21.81
C GLY D 150 45.26 22.57 21.24
N ALA D 151 45.19 21.90 20.13
CA ALA D 151 43.91 21.79 19.51
C ALA D 151 43.83 20.69 18.51
N ILE D 152 44.87 19.92 18.36
CA ILE D 152 44.73 18.88 17.42
C ILE D 152 43.85 17.98 18.22
N TRP D 153 43.38 18.46 19.36
CA TRP D 153 42.50 17.70 20.18
C TRP D 153 41.15 18.13 19.81
N ALA D 154 40.79 17.84 18.59
CA ALA D 154 39.50 18.11 18.15
C ALA D 154 39.37 17.29 16.90
N PHE D 155 40.45 16.76 16.37
CA PHE D 155 40.39 15.87 15.25
C PHE D 155 41.23 14.79 15.74
N VAL D 156 41.93 15.04 16.83
CA VAL D 156 42.69 13.98 17.43
C VAL D 156 42.26 13.87 18.83
N ALA D 157 41.03 14.21 19.09
CA ALA D 157 40.49 14.01 20.41
C ALA D 157 39.20 13.26 20.30
N PRO D 158 38.26 13.73 19.48
CA PRO D 158 37.09 12.94 19.39
C PRO D 158 37.06 12.29 18.08
N ALA D 159 38.16 11.71 17.70
CA ALA D 159 38.19 10.99 16.49
C ALA D 159 39.03 9.86 16.78
N LEU D 160 39.57 9.81 17.98
CA LEU D 160 40.29 8.64 18.35
C LEU D 160 39.23 7.76 18.91
N PHE D 161 38.32 8.32 19.71
CA PHE D 161 37.22 7.54 20.27
C PHE D 161 36.58 6.80 19.19
N VAL D 162 36.09 7.55 18.28
CA VAL D 162 35.34 6.99 17.17
C VAL D 162 36.05 5.75 16.62
N ILE D 163 37.37 5.80 16.51
CA ILE D 163 38.14 4.64 16.07
C ILE D 163 38.00 3.50 17.07
N VAL D 164 38.08 3.81 18.37
CA VAL D 164 38.04 2.77 19.39
C VAL D 164 36.67 2.07 19.40
N VAL D 165 35.59 2.86 19.34
CA VAL D 165 34.27 2.24 19.32
C VAL D 165 34.03 1.52 18.01
N ASN D 166 34.54 2.07 16.90
CA ASN D 166 34.39 1.39 15.61
C ASN D 166 35.19 0.09 15.57
N ILE D 167 36.35 0.04 16.22
CA ILE D 167 37.11 -1.20 16.24
C ILE D 167 36.37 -2.25 17.07
N GLY D 168 35.68 -1.83 18.13
CA GLY D 168 34.87 -2.77 18.90
C GLY D 168 33.68 -3.29 18.11
N ILE D 169 33.00 -2.40 17.39
CA ILE D 169 31.88 -2.83 16.54
C ILE D 169 32.37 -3.77 15.46
N LEU D 170 33.53 -3.47 14.87
CA LEU D 170 34.11 -4.36 13.87
C LEU D 170 34.45 -5.71 14.46
N ILE D 171 34.98 -5.74 15.68
CA ILE D 171 35.30 -7.01 16.34
C ILE D 171 34.03 -7.82 16.55
N ALA D 172 32.96 -7.17 17.03
CA ALA D 172 31.70 -7.87 17.27
C ALA D 172 31.12 -8.42 15.97
N VAL D 173 31.12 -7.60 14.92
CA VAL D 173 30.55 -8.04 13.64
C VAL D 173 31.40 -9.16 13.03
N THR D 174 32.72 -9.08 13.18
CA THR D 174 33.59 -10.15 12.70
C THR D 174 33.34 -11.44 13.46
N ARG D 175 33.14 -11.35 14.78
CA ARG D 175 32.81 -12.53 15.56
C ARG D 175 31.50 -13.15 15.10
N VAL D 176 30.51 -12.35 14.77
CA VAL D 176 29.28 -12.93 14.38
C VAL D 176 29.51 -13.58 13.09
N ILE D 177 30.22 -12.97 12.21
CA ILE D 177 30.34 -13.53 10.88
C ILE D 177 31.14 -14.78 10.93
N SER D 178 31.91 -14.94 11.98
CA SER D 178 32.66 -16.14 12.11
C SER D 178 31.67 -17.21 12.25
N GLN D 179 30.93 -17.17 13.33
CA GLN D 179 29.91 -18.15 13.57
C GLN D 179 29.05 -18.40 12.37
N ILE D 180 28.27 -17.43 11.96
CA ILE D 180 27.38 -17.55 10.82
C ILE D 180 28.13 -17.93 9.57
N SER D 181 29.32 -18.47 9.71
CA SER D 181 30.08 -18.84 8.57
C SER D 181 30.96 -19.95 8.98
N ALA D 182 30.78 -20.40 10.20
CA ALA D 182 31.52 -21.55 10.65
C ALA D 182 30.73 -22.78 10.31
N ALA D 193 36.65 -20.39 4.60
CA ALA D 193 35.70 -19.30 4.50
C ALA D 193 36.15 -18.19 5.40
N PHE D 194 37.36 -18.27 5.89
CA PHE D 194 37.87 -17.18 6.69
C PHE D 194 38.00 -16.04 5.72
N LYS D 195 37.91 -16.35 4.43
CA LYS D 195 37.94 -15.28 3.46
C LYS D 195 36.76 -14.37 3.72
N LEU D 196 35.71 -14.91 4.32
CA LEU D 196 34.57 -14.11 4.57
C LEU D 196 35.01 -13.14 5.57
N THR D 197 35.45 -13.62 6.71
CA THR D 197 35.78 -12.68 7.74
C THR D 197 36.76 -11.69 7.16
N ALA D 198 37.40 -12.03 6.06
CA ALA D 198 38.26 -11.06 5.39
C ALA D 198 37.45 -9.99 4.67
N LYS D 199 36.58 -10.37 3.75
CA LYS D 199 35.77 -9.41 3.03
C LYS D 199 35.09 -8.50 3.97
N ALA D 200 34.77 -8.99 5.12
CA ALA D 200 34.03 -8.19 6.02
C ALA D 200 34.86 -7.04 6.28
N VAL D 201 36.06 -7.33 6.72
CA VAL D 201 36.92 -6.21 7.10
C VAL D 201 37.10 -5.27 5.91
N ALA D 202 37.30 -5.82 4.72
CA ALA D 202 37.53 -4.99 3.53
C ALA D 202 36.30 -4.15 3.21
N VAL D 203 35.11 -4.74 3.28
CA VAL D 203 33.89 -3.99 2.98
C VAL D 203 33.63 -2.95 4.07
N LEU D 204 33.91 -3.28 5.32
CA LEU D 204 33.75 -2.36 6.43
C LEU D 204 34.95 -1.46 6.63
N LEU D 205 36.00 -1.62 5.82
CA LEU D 205 37.16 -0.73 5.92
C LEU D 205 36.81 0.73 5.69
N PRO D 206 36.13 1.12 4.58
CA PRO D 206 35.88 2.55 4.34
C PRO D 206 34.89 3.18 5.30
N ILE D 207 33.72 2.56 5.44
CA ILE D 207 32.62 3.21 6.16
C ILE D 207 32.90 3.29 7.65
N LEU D 208 33.51 2.25 8.23
CA LEU D 208 33.80 2.28 9.66
C LEU D 208 35.03 3.11 9.99
N GLY D 209 35.81 3.51 8.99
CA GLY D 209 37.00 4.32 9.25
C GLY D 209 38.05 3.61 10.07
N THR D 210 38.21 2.31 9.86
CA THR D 210 39.21 1.53 10.57
C THR D 210 40.57 1.56 9.89
N SER D 211 40.74 2.42 8.89
CA SER D 211 42.05 2.70 8.32
C SER D 211 42.70 3.92 8.92
N TRP D 212 41.94 4.71 9.68
CA TRP D 212 42.47 5.88 10.39
C TRP D 212 43.19 5.50 11.68
N VAL D 213 43.07 4.26 12.12
CA VAL D 213 43.77 3.83 13.33
C VAL D 213 45.28 3.86 13.11
N PHE D 214 45.74 3.62 11.89
CA PHE D 214 47.17 3.70 11.57
C PHE D 214 47.62 5.13 11.35
N GLY D 215 47.23 6.04 12.23
CA GLY D 215 47.73 7.40 12.24
C GLY D 215 48.29 7.71 13.60
N VAL D 216 47.78 7.00 14.62
CA VAL D 216 48.35 7.04 15.96
C VAL D 216 49.68 6.31 16.02
N LEU D 217 49.94 5.38 15.11
CA LEU D 217 51.23 4.74 14.96
C LEU D 217 52.11 5.48 13.96
N ALA D 218 51.54 6.39 13.18
CA ALA D 218 52.30 7.27 12.30
C ALA D 218 52.73 8.55 13.00
N VAL D 219 52.20 8.83 14.18
CA VAL D 219 52.67 9.98 14.97
C VAL D 219 54.08 9.75 15.49
N ASN D 220 54.41 8.53 15.91
CA ASN D 220 55.72 8.21 16.47
C ASN D 220 56.21 6.92 15.82
N GLY D 221 57.29 6.36 16.36
CA GLY D 221 57.83 5.12 15.84
C GLY D 221 58.50 5.30 14.49
N CYS D 222 58.72 4.16 13.84
CA CYS D 222 59.37 4.11 12.53
C CYS D 222 58.33 4.44 11.45
N ALA D 223 58.08 5.74 11.30
CA ALA D 223 57.09 6.22 10.33
C ALA D 223 57.74 6.38 8.95
N VAL D 224 58.32 5.29 8.48
CA VAL D 224 58.94 5.25 7.17
C VAL D 224 58.40 4.05 6.39
N VAL D 225 57.82 3.10 7.11
CA VAL D 225 57.24 1.91 6.49
C VAL D 225 55.80 1.76 6.95
N PHE D 226 55.30 2.77 7.66
CA PHE D 226 53.92 2.74 8.13
C PHE D 226 53.18 4.04 7.86
N GLN D 227 53.84 5.08 7.35
CA GLN D 227 53.19 6.34 7.05
C GLN D 227 52.73 6.45 5.60
N TYR D 228 53.48 5.89 4.65
CA TYR D 228 53.07 5.86 3.26
C TYR D 228 51.84 4.99 3.04
N MET D 229 51.62 4.03 3.93
CA MET D 229 50.46 3.18 3.89
C MET D 229 49.31 3.78 4.70
N PHE D 230 49.55 4.88 5.41
CA PHE D 230 48.51 5.74 5.93
C PHE D 230 47.97 6.69 4.87
N ALA D 231 48.56 6.70 3.68
CA ALA D 231 48.09 7.52 2.57
C ALA D 231 47.44 6.68 1.48
N THR D 232 47.96 5.49 1.20
CA THR D 232 47.39 4.66 0.15
C THR D 232 45.99 4.17 0.50
N LEU D 233 45.74 3.90 1.78
CA LEU D 233 44.47 3.33 2.22
C LEU D 233 43.64 4.31 3.04
N ASN D 234 44.00 5.59 3.04
CA ASN D 234 43.27 6.58 3.82
C ASN D 234 43.06 7.85 3.00
N SER D 235 43.59 7.86 1.77
CA SER D 235 43.32 8.95 0.84
C SER D 235 42.59 8.40 -0.37
N LEU D 236 42.74 7.10 -0.59
CA LEU D 236 42.01 6.39 -1.64
C LEU D 236 40.68 5.90 -1.08
N GLN D 237 40.23 6.50 0.02
CA GLN D 237 38.98 6.09 0.65
C GLN D 237 37.79 6.26 -0.29
N GLY D 238 37.77 7.32 -1.07
CA GLY D 238 36.70 7.56 -2.01
C GLY D 238 36.58 6.46 -3.05
N LEU D 239 37.71 5.91 -3.48
CA LEU D 239 37.69 4.77 -4.40
C LEU D 239 37.04 3.56 -3.75
N PHE D 240 37.35 3.28 -2.49
CA PHE D 240 36.83 2.09 -1.83
C PHE D 240 35.34 2.21 -1.55
N ILE D 241 34.90 3.37 -1.05
CA ILE D 241 33.48 3.56 -0.74
C ILE D 241 32.64 3.48 -2.00
N PHE D 242 33.19 3.89 -3.14
CA PHE D 242 32.51 3.71 -4.41
C PHE D 242 32.60 2.27 -4.91
N LEU D 243 33.70 1.59 -4.63
CA LEU D 243 33.91 0.23 -5.10
C LEU D 243 33.31 -0.82 -4.17
N PHE D 244 32.86 -0.45 -2.98
CA PHE D 244 32.33 -1.41 -2.03
C PHE D 244 30.88 -1.13 -1.63
N HIS D 245 30.42 0.12 -1.72
CA HIS D 245 29.04 0.45 -1.40
C HIS D 245 28.30 1.12 -2.56
N CYS D 246 28.94 1.22 -3.73
CA CYS D 246 28.27 1.82 -4.88
C CYS D 246 28.48 1.07 -6.18
N LEU D 247 29.41 0.13 -6.27
CA LEU D 247 29.65 -0.59 -7.52
C LEU D 247 29.44 -2.09 -7.41
N LEU D 248 29.93 -2.73 -6.35
CA LEU D 248 29.72 -4.15 -6.12
C LEU D 248 28.69 -4.42 -5.03
N ASN D 249 27.86 -3.43 -4.71
CA ASN D 249 26.72 -3.64 -3.83
C ASN D 249 25.57 -4.23 -4.62
N SER D 250 24.99 -5.32 -4.13
CA SER D 250 23.96 -6.03 -4.87
C SER D 250 22.71 -5.17 -5.05
N GLU D 251 22.30 -4.45 -4.00
CA GLU D 251 21.12 -3.61 -4.11
C GLU D 251 21.32 -2.49 -5.12
N VAL D 252 22.49 -1.86 -5.09
CA VAL D 252 22.77 -0.78 -6.04
C VAL D 252 22.80 -1.31 -7.46
N ARG D 253 23.41 -2.49 -7.67
CA ARG D 253 23.46 -3.08 -9.00
C ARG D 253 22.05 -3.38 -9.51
N ALA D 254 21.21 -3.97 -8.66
CA ALA D 254 19.84 -4.29 -9.07
C ALA D 254 19.05 -3.02 -9.38
N ALA D 255 19.20 -1.99 -8.53
CA ALA D 255 18.49 -0.75 -8.77
C ALA D 255 18.93 -0.08 -10.07
N PHE D 256 20.24 -0.08 -10.33
CA PHE D 256 20.74 0.50 -11.58
C PHE D 256 20.24 -0.28 -12.78
N LYS D 257 20.22 -1.61 -12.69
CA LYS D 257 19.70 -2.42 -13.79
C LYS D 257 18.22 -2.11 -14.03
N HIS D 258 17.44 -2.00 -12.97
CA HIS D 258 16.02 -1.68 -13.12
C HIS D 258 15.83 -0.30 -13.74
N LYS D 259 16.62 0.69 -13.30
CA LYS D 259 16.50 2.03 -13.87
C LYS D 259 16.88 2.05 -15.34
N THR D 260 17.95 1.33 -15.71
CA THR D 260 18.35 1.26 -17.11
C THR D 260 17.27 0.58 -17.95
N LYS D 261 16.66 -0.48 -17.42
CA LYS D 261 15.57 -1.14 -18.13
C LYS D 261 14.40 -0.21 -18.32
N VAL D 262 14.04 0.55 -17.28
CA VAL D 262 12.91 1.47 -17.37
C VAL D 262 13.19 2.55 -18.41
N TRP D 263 14.40 3.12 -18.39
CA TRP D 263 14.73 4.18 -19.33
C TRP D 263 14.79 3.66 -20.76
N SER D 264 15.33 2.46 -20.96
CA SER D 264 15.36 1.89 -22.30
C SER D 264 13.95 1.60 -22.81
N LEU D 265 13.08 1.09 -21.94
CA LEU D 265 11.71 0.83 -22.36
C LEU D 265 10.94 2.12 -22.60
N THR D 266 11.15 3.13 -21.75
CA THR D 266 10.46 4.41 -21.92
C THR D 266 11.29 5.38 -22.73
N LEU E 5 -6.25 26.98 -4.36
CA LEU E 5 -7.28 26.05 -3.94
C LEU E 5 -8.47 26.79 -3.34
N SER E 6 -9.55 26.05 -3.09
CA SER E 6 -10.77 26.61 -2.51
C SER E 6 -10.88 26.19 -1.05
N ALA E 7 -11.99 26.60 -0.42
CA ALA E 7 -12.21 26.26 0.98
C ALA E 7 -12.45 24.77 1.16
N GLU E 8 -13.29 24.17 0.31
CA GLU E 8 -13.56 22.75 0.42
C GLU E 8 -12.30 21.92 0.13
N ASP E 9 -11.53 22.32 -0.89
CA ASP E 9 -10.30 21.60 -1.20
C ASP E 9 -9.29 21.73 -0.07
N LYS E 10 -9.18 22.92 0.52
CA LYS E 10 -8.25 23.11 1.63
C LYS E 10 -8.69 22.35 2.87
N ALA E 11 -9.96 21.97 2.96
CA ALA E 11 -10.46 21.16 4.06
C ALA E 11 -10.43 19.67 3.75
N ALA E 12 -10.34 19.29 2.48
CA ALA E 12 -10.16 17.89 2.10
C ALA E 12 -8.69 17.49 2.10
N VAL E 13 -7.78 18.44 1.84
CA VAL E 13 -6.37 18.16 1.94
C VAL E 13 -5.97 17.92 3.39
N GLU E 14 -6.49 18.74 4.30
CA GLU E 14 -6.15 18.59 5.72
C GLU E 14 -6.65 17.25 6.26
N ARG E 15 -7.84 16.83 5.88
CA ARG E 15 -8.36 15.54 6.32
C ARG E 15 -7.49 14.39 5.80
N SER E 16 -6.99 14.52 4.57
CA SER E 16 -6.06 13.52 4.04
C SER E 16 -4.77 13.48 4.86
N LYS E 17 -4.34 14.63 5.39
CA LYS E 17 -3.12 14.66 6.20
C LYS E 17 -3.30 13.91 7.51
N MET E 18 -4.52 13.92 8.08
CA MET E 18 -4.79 13.11 9.26
C MET E 18 -4.67 11.62 8.94
N ILE E 19 -5.15 11.22 7.76
CA ILE E 19 -5.05 9.81 7.36
C ILE E 19 -3.58 9.41 7.22
N GLU E 20 -2.77 10.29 6.63
CA GLU E 20 -1.34 10.00 6.49
C GLU E 20 -0.67 9.88 7.86
N LYS E 21 -1.07 10.73 8.81
CA LYS E 21 -0.53 10.63 10.17
C LYS E 21 -0.93 9.31 10.82
N GLN E 22 -2.19 8.90 10.64
CA GLN E 22 -2.63 7.62 11.17
C GLN E 22 -1.92 6.46 10.48
N LEU E 23 -1.74 6.56 9.16
CA LEU E 23 -1.00 5.52 8.45
C LEU E 23 0.45 5.44 8.92
N GLN E 24 1.05 6.57 9.27
CA GLN E 24 2.41 6.57 9.79
C GLN E 24 2.47 5.84 11.13
N LYS E 25 1.45 6.02 11.98
CA LYS E 25 1.43 5.35 13.27
C LYS E 25 1.35 3.84 13.11
N ASP E 26 0.53 3.37 12.16
CA ASP E 26 0.40 1.93 11.96
C ASP E 26 1.65 1.35 11.32
N LYS E 27 2.39 2.17 10.57
CA LYS E 27 3.66 1.71 10.02
C LYS E 27 4.62 1.28 11.11
N GLN E 28 4.67 2.04 12.21
CA GLN E 28 5.54 1.67 13.32
C GLN E 28 5.15 0.31 13.90
N VAL E 29 3.85 0.06 14.02
CA VAL E 29 3.39 -1.24 14.51
C VAL E 29 3.64 -2.32 13.47
N TYR E 30 3.36 -2.03 12.20
CA TYR E 30 3.43 -3.05 11.16
C TYR E 30 4.85 -3.58 10.99
N ARG E 31 5.84 -2.70 10.99
CA ARG E 31 7.23 -3.12 10.81
C ARG E 31 7.89 -3.52 12.12
N ALA E 32 7.18 -3.49 13.24
CA ALA E 32 7.69 -3.98 14.51
C ALA E 32 7.16 -5.36 14.87
N THR E 33 6.16 -5.86 14.14
CA THR E 33 5.63 -7.21 14.34
C THR E 33 6.14 -8.11 13.23
N HIS E 34 6.65 -9.28 13.61
CA HIS E 34 7.21 -10.22 12.66
C HIS E 34 6.14 -11.28 12.35
N ARG E 35 5.57 -11.18 11.16
CA ARG E 35 4.51 -12.10 10.76
C ARG E 35 5.07 -13.51 10.56
N LEU E 36 4.35 -14.51 11.03
CA LEU E 36 4.71 -15.90 10.87
C LEU E 36 3.53 -16.67 10.31
N LEU E 37 3.83 -17.63 9.45
CA LEU E 37 2.81 -18.47 8.82
C LEU E 37 3.00 -19.89 9.34
N LEU E 38 2.11 -20.32 10.24
CA LEU E 38 2.16 -21.67 10.77
C LEU E 38 1.53 -22.61 9.74
N LEU E 39 2.31 -23.57 9.28
CA LEU E 39 1.86 -24.56 8.31
C LEU E 39 2.03 -25.97 8.90
N GLY E 40 1.72 -26.97 8.08
CA GLY E 40 1.83 -28.34 8.49
C GLY E 40 0.72 -29.20 7.91
N ALA E 41 0.04 -29.97 8.77
CA ALA E 41 -1.03 -30.84 8.32
C ALA E 41 -1.91 -31.19 9.52
N ASP E 42 -2.97 -31.93 9.25
CA ASP E 42 -3.84 -32.40 10.33
C ASP E 42 -3.11 -33.42 11.20
N ASN E 43 -3.44 -33.42 12.49
CA ASN E 43 -2.80 -34.29 13.47
C ASN E 43 -1.30 -34.09 13.49
N SER E 44 -0.86 -32.83 13.40
CA SER E 44 0.54 -32.48 13.47
C SER E 44 0.91 -31.72 14.73
N GLY E 45 -0.04 -31.11 15.41
CA GLY E 45 0.19 -30.43 16.66
C GLY E 45 0.08 -28.93 16.64
N LYS E 46 -0.66 -28.34 15.69
CA LYS E 46 -0.83 -26.90 15.66
C LYS E 46 -1.54 -26.41 16.92
N SER E 47 -2.60 -27.11 17.32
CA SER E 47 -3.41 -26.66 18.46
C SER E 47 -2.62 -26.67 19.75
N THR E 48 -1.80 -27.70 19.97
CA THR E 48 -1.00 -27.77 21.19
C THR E 48 -0.01 -26.62 21.27
N ILE E 49 0.64 -26.29 20.15
CA ILE E 49 1.57 -25.18 20.14
C ILE E 49 0.84 -23.86 20.36
N VAL E 50 -0.34 -23.70 19.72
CA VAL E 50 -1.09 -22.46 19.84
C VAL E 50 -1.53 -22.25 21.29
N LYS E 51 -2.03 -23.29 21.93
CA LYS E 51 -2.47 -23.21 23.31
C LYS E 51 -1.31 -23.38 24.27
N SER E 182 -13.97 -19.89 10.57
CA SER E 182 -13.57 -18.91 9.56
C SER E 182 -12.54 -19.52 8.62
N GLY E 183 -11.64 -18.69 8.10
CA GLY E 183 -10.64 -19.16 7.17
C GLY E 183 -9.22 -19.04 7.69
N ILE E 184 -8.98 -18.05 8.55
CA ILE E 184 -7.67 -17.84 9.15
C ILE E 184 -7.85 -17.50 10.62
N PHE E 185 -6.89 -17.94 11.43
CA PHE E 185 -6.88 -17.65 12.86
C PHE E 185 -5.54 -17.02 13.22
N GLU E 186 -5.58 -15.82 13.77
CA GLU E 186 -4.38 -15.13 14.23
C GLU E 186 -4.10 -15.47 15.68
N THR E 187 -2.82 -15.68 15.99
CA THR E 187 -2.36 -15.94 17.36
C THR E 187 -1.21 -15.00 17.65
N LYS E 188 -1.45 -14.00 18.49
CA LYS E 188 -0.46 -12.98 18.80
C LYS E 188 0.19 -13.30 20.14
N PHE E 189 1.51 -13.45 20.13
CA PHE E 189 2.29 -13.67 21.33
C PHE E 189 3.51 -12.75 21.32
N GLN E 190 4.10 -12.57 22.49
CA GLN E 190 5.22 -11.63 22.63
C GLN E 190 6.32 -12.28 23.46
N VAL E 191 7.52 -12.33 22.91
CA VAL E 191 8.70 -12.84 23.59
C VAL E 191 9.66 -11.69 23.81
N ASP E 192 10.14 -11.55 25.05
CA ASP E 192 10.98 -10.42 25.46
C ASP E 192 10.19 -9.15 25.20
N LYS E 193 10.60 -8.29 24.26
CA LYS E 193 9.87 -7.06 23.97
C LYS E 193 9.38 -6.98 22.53
N VAL E 194 9.63 -8.00 21.71
CA VAL E 194 9.22 -7.98 20.32
C VAL E 194 7.89 -8.70 20.17
N ASN E 195 7.15 -8.34 19.14
CA ASN E 195 5.81 -8.87 18.90
C ASN E 195 5.83 -9.82 17.69
N PHE E 196 5.01 -10.86 17.77
CA PHE E 196 4.87 -11.83 16.70
C PHE E 196 3.41 -11.96 16.31
N HIS E 197 3.17 -12.38 15.07
CA HIS E 197 1.81 -12.48 14.53
C HIS E 197 1.71 -13.81 13.77
N MET E 198 1.28 -14.84 14.49
CA MET E 198 1.11 -16.16 13.87
C MET E 198 -0.19 -16.22 13.10
N PHE E 199 -0.16 -16.90 11.96
CA PHE E 199 -1.33 -17.04 11.09
C PHE E 199 -1.51 -18.51 10.74
N ASP E 200 -2.60 -19.10 11.20
CA ASP E 200 -2.94 -20.49 10.91
C ASP E 200 -4.12 -20.52 9.94
N VAL E 201 -3.95 -21.22 8.83
CA VAL E 201 -5.00 -21.31 7.82
C VAL E 201 -6.00 -22.37 8.22
N GLY E 202 -7.28 -22.10 7.95
CA GLY E 202 -8.34 -23.00 8.37
C GLY E 202 -9.03 -23.72 7.23
N ALA E 203 -10.20 -23.22 6.83
CA ALA E 203 -11.06 -23.85 5.83
C ALA E 203 -10.51 -23.79 4.42
N GLN E 204 -9.28 -23.34 4.18
CA GLN E 204 -8.74 -23.30 2.83
C GLN E 204 -8.64 -24.71 2.26
N ARG E 205 -8.98 -24.83 0.98
CA ARG E 205 -8.97 -26.13 0.31
C ARG E 205 -7.55 -26.70 0.26
N ASP E 206 -7.46 -27.97 -0.14
CA ASP E 206 -6.18 -28.68 -0.18
C ASP E 206 -5.38 -28.28 -1.42
N GLU E 207 -5.15 -26.98 -1.55
CA GLU E 207 -4.34 -26.43 -2.64
C GLU E 207 -3.70 -25.14 -2.12
N ARG E 208 -2.44 -25.25 -1.68
CA ARG E 208 -1.74 -24.10 -1.12
C ARG E 208 -1.45 -23.04 -2.18
N ARG E 209 -1.47 -23.40 -3.46
CA ARG E 209 -1.17 -22.46 -4.52
C ARG E 209 -2.23 -21.38 -4.60
N LYS E 210 -1.83 -20.21 -5.10
CA LYS E 210 -2.64 -19.01 -5.37
C LYS E 210 -3.00 -18.24 -4.11
N TRP E 211 -2.67 -18.74 -2.91
CA TRP E 211 -2.79 -17.94 -1.70
C TRP E 211 -1.51 -17.92 -0.87
N ILE E 212 -0.49 -18.69 -1.24
CA ILE E 212 0.82 -18.58 -0.59
C ILE E 212 1.59 -17.36 -1.09
N GLN E 213 1.15 -16.73 -2.18
CA GLN E 213 1.81 -15.53 -2.67
C GLN E 213 1.68 -14.37 -1.68
N CYS E 214 0.63 -14.38 -0.86
CA CYS E 214 0.42 -13.32 0.13
C CYS E 214 1.48 -13.33 1.22
N PHE E 215 2.27 -14.38 1.32
CA PHE E 215 3.31 -14.51 2.35
C PHE E 215 4.66 -14.41 1.66
N ASN E 216 5.14 -13.19 1.47
CA ASN E 216 6.46 -12.94 0.91
C ASN E 216 7.24 -12.01 1.83
N ASP E 217 6.52 -11.19 2.59
CA ASP E 217 7.12 -10.31 3.58
C ASP E 217 7.15 -10.93 4.97
N VAL E 218 6.71 -12.19 5.11
CA VAL E 218 6.70 -12.83 6.42
C VAL E 218 8.14 -13.12 6.85
N THR E 219 8.38 -12.97 8.15
CA THR E 219 9.72 -13.21 8.69
C THR E 219 10.15 -14.65 8.48
N ALA E 220 9.28 -15.60 8.80
CA ALA E 220 9.60 -17.01 8.69
C ALA E 220 8.31 -17.80 8.61
N ILE E 221 8.44 -19.08 8.24
CA ILE E 221 7.32 -20.01 8.18
C ILE E 221 7.55 -21.09 9.23
N ILE E 222 6.56 -21.29 10.09
CA ILE E 222 6.63 -22.32 11.12
C ILE E 222 6.03 -23.59 10.54
N PHE E 223 6.84 -24.64 10.44
CA PHE E 223 6.41 -25.93 9.91
C PHE E 223 6.43 -26.95 11.05
N VAL E 224 5.30 -27.61 11.27
CA VAL E 224 5.12 -28.54 12.37
C VAL E 224 4.96 -29.93 11.79
N VAL E 225 5.81 -30.87 12.24
CA VAL E 225 5.75 -32.25 11.82
C VAL E 225 5.58 -33.12 13.06
N ASP E 226 4.64 -34.07 12.98
CA ASP E 226 4.38 -34.97 14.10
C ASP E 226 5.60 -35.83 14.38
N SER E 227 6.21 -36.39 13.34
CA SER E 227 7.44 -37.20 13.40
C SER E 227 7.25 -38.51 14.13
N SER E 228 6.06 -38.79 14.66
CA SER E 228 5.79 -40.05 15.34
C SER E 228 4.78 -40.92 14.61
N ASP E 229 4.11 -40.39 13.58
CA ASP E 229 3.20 -41.22 12.80
C ASP E 229 3.94 -42.33 12.08
N TYR E 230 5.09 -42.01 11.48
CA TYR E 230 5.96 -42.91 10.73
C TYR E 230 5.31 -43.41 9.44
N ASN E 231 4.05 -43.05 9.18
CA ASN E 231 3.36 -43.43 7.96
C ASN E 231 3.16 -42.25 7.02
N ARG E 232 2.60 -41.16 7.52
CA ARG E 232 2.48 -39.93 6.73
C ARG E 232 3.68 -39.03 6.95
N LEU E 233 4.88 -39.60 6.78
CA LEU E 233 6.12 -38.84 6.84
C LEU E 233 6.67 -38.48 5.48
N GLN E 234 6.44 -39.34 4.47
CA GLN E 234 6.77 -38.96 3.11
C GLN E 234 5.88 -37.83 2.62
N GLU E 235 4.62 -37.80 3.06
CA GLU E 235 3.76 -36.65 2.76
C GLU E 235 4.32 -35.37 3.36
N ALA E 236 4.82 -35.45 4.61
CA ALA E 236 5.46 -34.29 5.21
C ALA E 236 6.70 -33.88 4.44
N LEU E 237 7.48 -34.86 3.97
CA LEU E 237 8.66 -34.55 3.17
C LEU E 237 8.28 -33.83 1.88
N ASN E 238 7.23 -34.31 1.20
CA ASN E 238 6.78 -33.67 -0.02
C ASN E 238 6.26 -32.27 0.25
N ASP E 239 5.54 -32.08 1.37
CA ASP E 239 5.08 -30.76 1.73
C ASP E 239 6.24 -29.80 1.99
N PHE E 240 7.26 -30.27 2.70
CA PHE E 240 8.43 -29.44 2.97
C PHE E 240 9.16 -29.09 1.68
N LYS E 241 9.30 -30.06 0.77
CA LYS E 241 9.93 -29.76 -0.52
C LYS E 241 9.14 -28.74 -1.31
N SER E 242 7.80 -28.88 -1.32
CA SER E 242 6.96 -27.96 -2.06
C SER E 242 7.04 -26.54 -1.49
N ILE E 243 7.09 -26.42 -0.17
CA ILE E 243 7.15 -25.09 0.43
C ILE E 243 8.56 -24.50 0.37
N TRP E 244 9.59 -25.35 0.28
CA TRP E 244 10.96 -24.85 0.18
C TRP E 244 11.30 -24.42 -1.24
N ASN E 245 10.79 -25.14 -2.24
CA ASN E 245 11.13 -24.89 -3.64
C ASN E 245 10.13 -23.99 -4.35
N ASN E 246 9.18 -23.40 -3.62
CA ASN E 246 8.22 -22.49 -4.23
C ASN E 246 8.93 -21.24 -4.73
N ARG E 247 8.50 -20.74 -5.88
CA ARG E 247 9.14 -19.58 -6.49
C ARG E 247 9.01 -18.35 -5.59
N TRP E 248 7.83 -18.12 -5.03
CA TRP E 248 7.61 -16.94 -4.21
C TRP E 248 8.31 -17.05 -2.86
N LEU E 249 8.44 -18.27 -2.33
CA LEU E 249 9.11 -18.50 -1.05
C LEU E 249 10.60 -18.78 -1.25
N ARG E 250 11.27 -17.88 -1.96
CA ARG E 250 12.69 -18.04 -2.26
C ARG E 250 13.58 -17.40 -1.21
N THR E 251 13.11 -16.36 -0.53
CA THR E 251 13.86 -15.69 0.52
C THR E 251 13.18 -15.82 1.87
N ILE E 252 12.45 -16.91 2.07
CA ILE E 252 11.69 -17.14 3.30
C ILE E 252 12.26 -18.38 3.98
N SER E 253 12.68 -18.21 5.23
CA SER E 253 13.19 -19.33 6.01
C SER E 253 12.04 -20.14 6.59
N VAL E 254 12.35 -21.37 7.00
CA VAL E 254 11.38 -22.28 7.60
C VAL E 254 11.89 -22.70 8.96
N ILE E 255 11.07 -22.49 9.99
CA ILE E 255 11.38 -22.89 11.36
C ILE E 255 10.73 -24.24 11.58
N LEU E 256 11.53 -25.30 11.57
CA LEU E 256 11.01 -26.66 11.69
C LEU E 256 10.77 -27.01 13.15
N PHE E 257 9.56 -27.49 13.45
CA PHE E 257 9.18 -27.94 14.78
C PHE E 257 8.77 -29.40 14.69
N LEU E 258 9.69 -30.30 15.00
CA LEU E 258 9.39 -31.74 15.07
C LEU E 258 8.66 -32.01 16.38
N ASN E 259 7.40 -31.57 16.40
CA ASN E 259 6.61 -31.48 17.62
C ASN E 259 6.23 -32.89 18.08
N LYS E 260 5.96 -33.01 19.38
CA LYS E 260 5.57 -34.26 20.03
C LYS E 260 6.63 -35.35 19.85
N GLN E 261 7.81 -35.06 20.37
CA GLN E 261 8.85 -36.08 20.50
C GLN E 261 8.72 -36.82 21.83
N ASP E 262 7.49 -37.24 22.12
CA ASP E 262 7.18 -38.12 23.23
C ASP E 262 6.56 -39.43 22.76
N LEU E 263 5.57 -39.35 21.88
CA LEU E 263 5.08 -40.54 21.21
C LEU E 263 6.19 -41.22 20.41
N LEU E 264 7.14 -40.43 19.89
CA LEU E 264 8.31 -41.01 19.23
C LEU E 264 9.10 -41.87 20.20
N ALA E 265 9.33 -41.37 21.41
CA ALA E 265 10.07 -42.14 22.41
C ALA E 265 9.30 -43.38 22.81
N GLU E 266 7.98 -43.24 23.04
CA GLU E 266 7.18 -44.38 23.46
C GLU E 266 7.01 -45.42 22.38
N LYS E 267 7.15 -45.04 21.11
CA LYS E 267 7.06 -45.98 20.00
C LYS E 267 8.41 -46.53 19.56
N VAL E 268 9.51 -45.88 19.94
CA VAL E 268 10.83 -46.43 19.69
C VAL E 268 11.25 -47.38 20.80
N LEU E 269 10.90 -47.05 22.05
CA LEU E 269 11.15 -47.97 23.16
C LEU E 269 10.43 -49.29 22.93
N ALA E 270 9.17 -49.23 22.49
CA ALA E 270 8.46 -50.42 22.07
C ALA E 270 8.90 -50.81 20.65
N GLY E 271 8.65 -52.07 20.31
CA GLY E 271 9.00 -52.57 19.00
C GLY E 271 7.95 -52.39 17.92
N LYS E 272 6.87 -51.66 18.22
CA LYS E 272 5.76 -51.53 17.27
C LYS E 272 6.20 -50.84 15.98
N SER E 273 6.61 -49.57 16.09
CA SER E 273 6.94 -48.77 14.92
C SER E 273 8.45 -48.55 14.87
N LYS E 274 9.09 -49.11 13.84
CA LYS E 274 10.50 -48.91 13.57
C LYS E 274 10.63 -48.17 12.25
N ILE E 275 11.52 -47.17 12.21
CA ILE E 275 11.71 -46.37 11.00
C ILE E 275 12.25 -47.21 9.85
N GLU E 276 12.86 -48.36 10.14
CA GLU E 276 13.43 -49.19 9.09
C GLU E 276 12.35 -49.73 8.15
N ASP E 277 11.19 -50.10 8.71
CA ASP E 277 10.13 -50.68 7.88
C ASP E 277 9.61 -49.66 6.87
N TYR E 278 9.10 -48.53 7.35
CA TYR E 278 8.56 -47.52 6.45
C TYR E 278 9.64 -46.91 5.57
N PHE E 279 10.80 -46.62 6.14
CA PHE E 279 11.90 -46.01 5.40
C PHE E 279 13.00 -47.05 5.16
N PRO E 280 13.17 -47.53 3.93
CA PRO E 280 14.21 -48.53 3.66
C PRO E 280 15.57 -47.89 3.43
N GLU E 281 15.94 -46.95 4.31
CA GLU E 281 17.24 -46.30 4.23
C GLU E 281 17.87 -46.13 5.60
N PHE E 282 17.39 -46.87 6.60
CA PHE E 282 17.89 -46.78 7.96
C PHE E 282 19.13 -47.63 8.20
N ALA E 283 19.68 -48.25 7.14
CA ALA E 283 20.88 -49.04 7.30
C ALA E 283 22.06 -48.18 7.76
N ARG E 284 22.21 -46.99 7.16
CA ARG E 284 23.23 -46.06 7.63
C ARG E 284 22.91 -45.53 9.02
N TYR E 285 21.64 -45.55 9.42
CA TYR E 285 21.13 -45.20 10.75
C TYR E 285 21.28 -43.72 11.07
N THR E 286 21.90 -42.93 10.19
CA THR E 286 22.17 -41.52 10.44
C THR E 286 22.78 -41.32 11.83
N THR E 287 23.89 -42.01 12.07
CA THR E 287 24.58 -41.91 13.35
C THR E 287 25.03 -40.47 13.57
N PRO E 288 24.65 -39.85 14.68
CA PRO E 288 24.96 -38.43 14.89
C PRO E 288 26.43 -38.21 15.22
N GLU E 289 27.17 -37.64 14.27
CA GLU E 289 28.53 -37.23 14.56
C GLU E 289 28.55 -36.14 15.64
N ASP E 290 27.60 -35.20 15.56
CA ASP E 290 27.37 -34.22 16.61
C ASP E 290 25.91 -34.33 17.05
N ALA E 291 25.67 -34.18 18.35
CA ALA E 291 24.33 -34.26 18.89
C ALA E 291 24.32 -33.64 20.28
N THR E 292 23.13 -33.21 20.71
CA THR E 292 22.92 -32.67 22.05
C THR E 292 21.70 -33.34 22.67
N PRO E 293 21.81 -34.62 23.04
CA PRO E 293 20.67 -35.31 23.64
C PRO E 293 20.33 -34.73 25.01
N GLU E 294 19.05 -34.82 25.36
CA GLU E 294 18.59 -34.39 26.66
C GLU E 294 19.16 -35.33 27.74
N PRO E 295 19.29 -34.85 28.98
CA PRO E 295 19.81 -35.71 30.04
C PRO E 295 18.89 -36.89 30.30
N GLY E 296 19.35 -38.08 29.93
CA GLY E 296 18.52 -39.27 30.01
C GLY E 296 17.85 -39.52 28.67
N GLU E 297 18.34 -40.50 27.92
CA GLU E 297 17.82 -40.73 26.57
C GLU E 297 18.24 -42.11 26.10
N ASP E 298 17.28 -42.86 25.58
CA ASP E 298 17.57 -44.16 24.99
C ASP E 298 18.42 -43.95 23.75
N PRO E 299 19.53 -44.70 23.60
CA PRO E 299 20.36 -44.52 22.39
C PRO E 299 19.60 -44.67 21.07
N ARG E 300 18.65 -45.60 20.98
CA ARG E 300 17.86 -45.69 19.76
C ARG E 300 16.92 -44.50 19.61
N VAL E 301 16.43 -43.95 20.72
CA VAL E 301 15.56 -42.78 20.65
C VAL E 301 16.28 -41.60 20.04
N THR E 302 17.53 -41.37 20.46
CA THR E 302 18.32 -40.25 19.96
C THR E 302 19.02 -40.58 18.64
N ARG E 303 18.88 -41.79 18.13
CA ARG E 303 19.45 -42.16 16.85
C ARG E 303 18.41 -42.33 15.74
N ALA E 304 17.13 -42.40 16.10
CA ALA E 304 16.05 -42.46 15.12
C ALA E 304 15.40 -41.11 14.89
N LYS E 305 15.41 -40.22 15.87
CA LYS E 305 14.88 -38.88 15.69
C LYS E 305 15.80 -38.02 14.83
N TYR E 306 17.11 -38.25 14.91
CA TYR E 306 18.02 -37.51 14.05
C TYR E 306 17.91 -37.96 12.60
N PHE E 307 17.47 -39.19 12.35
CA PHE E 307 17.08 -39.57 10.99
C PHE E 307 15.93 -38.71 10.50
N ILE E 308 14.95 -38.44 11.37
CA ILE E 308 13.84 -37.58 11.00
C ILE E 308 14.34 -36.17 10.70
N ARG E 309 15.25 -35.64 11.52
CA ARG E 309 15.79 -34.31 11.27
C ARG E 309 16.58 -34.27 9.97
N ASP E 310 17.37 -35.32 9.70
CA ASP E 310 18.20 -35.34 8.50
C ASP E 310 17.36 -35.48 7.24
N GLU E 311 16.26 -36.23 7.32
CA GLU E 311 15.39 -36.38 6.16
C GLU E 311 14.80 -35.06 5.70
N PHE E 312 14.72 -34.06 6.59
CA PHE E 312 14.27 -32.74 6.23
C PHE E 312 15.42 -31.82 5.87
N LEU E 313 16.53 -31.89 6.61
CA LEU E 313 17.67 -31.03 6.30
C LEU E 313 18.30 -31.37 4.96
N ARG E 314 18.19 -32.63 4.53
CA ARG E 314 18.74 -33.01 3.23
C ARG E 314 18.00 -32.29 2.09
N ILE E 315 16.67 -32.22 2.18
CA ILE E 315 15.91 -31.52 1.15
C ILE E 315 15.93 -30.01 1.36
N SER E 316 16.25 -29.55 2.57
CA SER E 316 16.40 -28.11 2.78
C SER E 316 17.71 -27.59 2.20
N THR E 317 18.79 -28.36 2.34
CA THR E 317 20.11 -27.93 1.89
C THR E 317 20.37 -28.22 0.43
N ALA E 318 19.44 -28.86 -0.28
CA ALA E 318 19.64 -29.18 -1.68
C ALA E 318 19.37 -28.01 -2.61
N SER E 319 18.88 -26.89 -2.10
CA SER E 319 18.58 -25.72 -2.91
C SER E 319 18.79 -24.47 -2.05
N GLY E 320 18.29 -23.34 -2.54
CA GLY E 320 18.39 -22.07 -1.84
C GLY E 320 19.64 -21.27 -2.15
N ASP E 321 20.79 -21.95 -2.18
CA ASP E 321 22.08 -21.31 -2.46
C ASP E 321 22.36 -20.17 -1.48
N GLY E 322 22.03 -20.40 -0.20
CA GLY E 322 22.28 -19.43 0.84
C GLY E 322 21.25 -18.33 0.97
N ARG E 323 20.21 -18.33 0.13
CA ARG E 323 19.17 -17.32 0.27
C ARG E 323 18.41 -17.46 1.57
N HIS E 324 18.10 -18.70 1.97
CA HIS E 324 17.37 -18.96 3.20
C HIS E 324 17.77 -20.32 3.74
N TYR E 325 17.57 -20.51 5.03
CA TYR E 325 18.01 -21.72 5.71
C TYR E 325 16.91 -22.21 6.65
N CYS E 326 16.96 -23.50 6.96
CA CYS E 326 16.00 -24.15 7.85
C CYS E 326 16.58 -24.28 9.25
N TYR E 327 15.69 -24.23 10.24
CA TYR E 327 16.08 -24.32 11.66
C TYR E 327 15.28 -25.43 12.33
N PRO E 328 15.84 -26.64 12.41
CA PRO E 328 15.11 -27.74 13.04
C PRO E 328 15.20 -27.68 14.57
N HIS E 329 14.10 -28.04 15.21
CA HIS E 329 14.02 -28.07 16.67
C HIS E 329 13.29 -29.33 17.10
N PHE E 330 13.58 -29.77 18.32
CA PHE E 330 12.93 -30.92 18.93
C PHE E 330 12.09 -30.43 20.09
N THR E 331 10.78 -30.70 20.05
CA THR E 331 9.87 -30.19 21.06
C THR E 331 8.71 -31.16 21.22
N CYS E 332 8.07 -31.06 22.38
CA CYS E 332 6.95 -31.93 22.75
C CYS E 332 5.63 -31.19 22.57
N SER E 333 4.53 -31.87 22.92
CA SER E 333 3.22 -31.23 22.82
C SER E 333 3.11 -30.04 23.77
N VAL E 334 3.49 -30.23 25.03
CA VAL E 334 3.56 -29.15 26.00
C VAL E 334 5.03 -28.79 26.20
N ASP E 335 5.35 -27.51 26.03
CA ASP E 335 6.74 -27.05 26.15
C ASP E 335 6.73 -25.56 26.39
N THR E 336 7.15 -25.14 27.59
CA THR E 336 7.22 -23.71 27.88
C THR E 336 8.24 -23.02 26.99
N GLU E 337 9.39 -23.67 26.76
CA GLU E 337 10.44 -23.09 25.92
C GLU E 337 10.17 -23.39 24.44
N ASN E 338 8.98 -23.04 23.96
CA ASN E 338 8.64 -23.18 22.56
C ASN E 338 8.57 -21.85 21.81
N ALA E 339 8.11 -20.79 22.46
CA ALA E 339 8.10 -19.48 21.83
C ALA E 339 9.49 -18.86 21.77
N ARG E 340 10.39 -19.27 22.68
CA ARG E 340 11.74 -18.72 22.67
C ARG E 340 12.54 -19.22 21.47
N ARG E 341 12.30 -20.46 21.03
CA ARG E 341 12.97 -20.97 19.84
C ARG E 341 12.57 -20.17 18.61
N ILE E 342 11.30 -19.81 18.50
CA ILE E 342 10.84 -18.96 17.41
C ILE E 342 11.55 -17.62 17.46
N PHE E 343 11.70 -17.06 18.67
CA PHE E 343 12.40 -15.79 18.84
C PHE E 343 13.84 -15.89 18.36
N ASN E 344 14.56 -16.94 18.78
CA ASN E 344 15.96 -17.09 18.39
C ASN E 344 16.10 -17.27 16.90
N ASP E 345 15.25 -18.11 16.30
CA ASP E 345 15.33 -18.35 14.86
C ASP E 345 15.00 -17.08 14.08
N CYS E 346 13.99 -16.32 14.51
CA CYS E 346 13.66 -15.09 13.81
C CYS E 346 14.79 -14.07 13.93
N ARG E 347 15.42 -13.98 15.11
CA ARG E 347 16.56 -13.09 15.26
C ARG E 347 17.68 -13.48 14.31
N ASP E 348 17.97 -14.78 14.21
CA ASP E 348 19.00 -15.23 13.29
C ASP E 348 18.63 -14.93 11.84
N ILE E 349 17.36 -15.08 11.49
CA ILE E 349 16.91 -14.83 10.12
C ILE E 349 17.13 -13.37 9.74
N ILE E 350 16.66 -12.46 10.60
CA ILE E 350 16.81 -11.05 10.27
C ILE E 350 18.29 -10.64 10.34
N GLN E 351 19.07 -11.25 11.22
CA GLN E 351 20.51 -10.98 11.27
C GLN E 351 21.18 -11.37 9.96
N ARG E 352 20.82 -12.53 9.42
CA ARG E 352 21.35 -12.93 8.12
C ARG E 352 20.88 -11.99 7.02
N MET E 353 19.61 -11.55 7.08
CA MET E 353 19.10 -10.63 6.07
C MET E 353 19.81 -9.29 6.13
N HIS E 354 20.07 -8.78 7.34
CA HIS E 354 20.74 -7.49 7.48
C HIS E 354 22.19 -7.57 7.02
N LEU E 355 22.86 -8.69 7.30
CA LEU E 355 24.26 -8.84 6.89
C LEU E 355 24.40 -8.91 5.38
N ARG E 356 23.40 -9.43 4.68
CA ARG E 356 23.45 -9.50 3.22
C ARG E 356 23.25 -8.14 2.57
N GLN E 357 22.66 -7.18 3.29
CA GLN E 357 22.47 -5.85 2.73
C GLN E 357 23.78 -5.06 2.70
N TYR E 358 24.72 -5.36 3.58
CA TYR E 358 26.04 -4.75 3.59
C TYR E 358 27.04 -5.51 2.74
N GLU E 359 26.59 -6.53 2.01
CA GLU E 359 27.45 -7.37 1.16
C GLU E 359 28.51 -8.09 1.98
N LEU E 360 28.22 -8.39 3.24
CA LEU E 360 29.10 -9.20 4.08
C LEU E 360 28.71 -10.67 4.09
N LEU E 361 27.70 -11.07 3.33
CA LEU E 361 27.28 -12.46 3.29
C LEU E 361 26.66 -12.81 1.94
C1 DHT F . 44.87 18.51 11.22
C2 DHT F . 43.89 18.55 12.37
C3 DHT F . 42.56 18.88 11.78
O3 DHT F . 42.00 19.90 12.09
C4 DHT F . 42.02 18.01 10.69
C5 DHT F . 43.08 17.82 9.61
C6 DHT F . 42.67 16.69 8.67
C7 DHT F . 43.64 16.57 7.51
C8 DHT F . 45.07 16.45 8.01
C9 DHT F . 45.42 17.50 9.05
C10 DHT F . 44.43 17.50 10.18
C11 DHT F . 46.83 17.29 9.58
C12 DHT F . 47.85 17.38 8.45
C13 DHT F . 47.45 16.37 7.40
C14 DHT F . 46.07 16.65 6.90
C15 DHT F . 45.94 15.76 5.67
C16 DHT F . 47.35 15.83 5.06
C17 DHT F . 48.28 16.36 6.14
O17 DHT F . 49.42 15.53 6.29
C18 DHT F . 47.48 14.98 8.04
C19 DHT F . 44.43 16.11 10.80
#